data_5CK3
#
_entry.id   5CK3
#
_cell.length_a   88.277
_cell.length_b   83.609
_cell.length_c   90.213
_cell.angle_alpha   90.00
_cell.angle_beta   105.23
_cell.angle_gamma   90.00
#
_symmetry.space_group_name_H-M   'P 1 21 1'
#
loop_
_entity.id
_entity.type
_entity.pdbx_description
1 polymer 'SRX domain'
2 polymer 'Putative signal recognition particle protein'
3 non-polymer 'MAGNESIUM ION'
4 non-polymer "GUANOSINE-5'-TRIPHOSPHATE"
5 non-polymer GLYCEROL
6 non-polymer 'SULFATE ION'
#
loop_
_entity_poly.entity_id
_entity_poly.type
_entity_poly.pdbx_seq_one_letter_code
_entity_poly.pdbx_strand_id
1 'polypeptide(L)'
;MKHHHHHHMSLDAFEILTTSGVVLWSRTYAPVNPSVVNDFITDVFIEEKSAVAGSKNGGSAASNPPYKHDQHSLRWTFVK
ELGIIFVAVYRSLLHLPWVDKLVDNIRAIFVSLYSEQFKRPNTTIIECINFDKYFDQQLQELEQTGSRVDARVPKIEAHS
ADEEEQPFVPSPAGKSEQKAP
;
A,C,E
2 'polypeptide(L)'
;MGATTQYTTLPSVLLIGPSGAGKTALLTLFERGPLLNPDGTSVGAADLKNPYRKPIVTSPVAQTHTSQVPTSVELAVGAN
EDGTPTSYKVDLDAAGATARKFLLIDTPGHPKLRGTTLQHLLNPSPSLTIIPTNAPNKKTSTDSHSDPYKSKLKAVIFLL
DAAALADSDGDYLSQTASYLYDVLLSLQKRFHSRKNSRAPSSIPVLIAANKQDLFTAVPASLVKSRLEHELGRIRKTRQK
GLLEASVTSEDEIRADDEEGWLGAVGSKEFKFEEMMEFDMEVEVMGGNVIGDGPGAERWWRWIGERI
;
B,D,F
#
loop_
_chem_comp.id
_chem_comp.type
_chem_comp.name
_chem_comp.formula
GOL non-polymer GLYCEROL 'C3 H8 O3'
GTP non-polymer GUANOSINE-5'-TRIPHOSPHATE 'C10 H16 N5 O14 P3'
MG non-polymer 'MAGNESIUM ION' 'Mg 2'
SO4 non-polymer 'SULFATE ION' 'O4 S -2'
#
# COMPACT_ATOMS: atom_id res chain seq x y z
N MET A 9 -3.58 -9.95 -10.15
CA MET A 9 -2.96 -10.94 -9.27
C MET A 9 -1.46 -11.01 -9.52
N SER A 10 -0.80 -11.91 -8.81
CA SER A 10 0.61 -12.22 -9.06
C SER A 10 1.55 -11.07 -8.81
N LEU A 11 1.25 -10.23 -7.83
CA LEU A 11 2.24 -9.30 -7.33
C LEU A 11 2.28 -9.39 -5.81
N ASP A 12 2.53 -10.61 -5.36
CA ASP A 12 2.89 -10.95 -3.99
C ASP A 12 1.87 -10.57 -2.92
N ALA A 13 2.37 -9.91 -1.87
CA ALA A 13 1.57 -9.73 -0.67
C ALA A 13 1.36 -8.26 -0.32
N PHE A 14 0.16 -7.95 0.13
CA PHE A 14 -0.15 -6.64 0.67
C PHE A 14 -0.34 -6.76 2.19
N GLU A 15 0.25 -5.83 2.93
CA GLU A 15 0.08 -5.82 4.38
C GLU A 15 -0.31 -4.45 4.90
N ILE A 16 -1.12 -4.43 5.95
CA ILE A 16 -1.47 -3.18 6.63
C ILE A 16 -1.15 -3.30 8.11
N LEU A 17 -0.01 -2.74 8.52
CA LEU A 17 0.48 -2.93 9.87
C LEU A 17 0.65 -1.62 10.63
N THR A 18 0.36 -1.68 11.93
CA THR A 18 0.40 -0.50 12.78
C THR A 18 1.82 -0.07 13.05
N THR A 19 1.98 1.15 13.57
CA THR A 19 3.29 1.67 13.91
C THR A 19 3.99 0.75 14.89
N SER A 20 3.21 0.16 15.79
CA SER A 20 3.78 -0.67 16.84
C SER A 20 3.96 -2.11 16.45
N GLY A 21 3.59 -2.45 15.22
CA GLY A 21 3.94 -3.76 14.69
C GLY A 21 2.80 -4.68 14.33
N VAL A 22 1.68 -4.60 15.04
CA VAL A 22 0.57 -5.48 14.76
C VAL A 22 0.09 -5.30 13.33
N VAL A 23 -0.26 -6.40 12.70
CA VAL A 23 -0.73 -6.38 11.32
C VAL A 23 -2.25 -6.42 11.29
N LEU A 24 -2.85 -5.27 10.97
CA LEU A 24 -4.30 -5.15 10.94
C LEU A 24 -4.87 -6.02 9.82
N TRP A 25 -4.24 -5.97 8.66
CA TRP A 25 -4.72 -6.70 7.51
C TRP A 25 -3.59 -7.22 6.64
N SER A 26 -3.75 -8.44 6.14
CA SER A 26 -2.73 -9.08 5.34
C SER A 26 -3.34 -9.76 4.12
N ARG A 27 -2.70 -9.61 2.97
CA ARG A 27 -3.00 -10.44 1.81
C ARG A 27 -1.71 -10.98 1.23
N THR A 28 -1.56 -12.30 1.20
CA THR A 28 -0.33 -12.90 0.73
C THR A 28 -0.55 -13.84 -0.43
N TYR A 29 0.08 -13.56 -1.56
CA TYR A 29 -0.03 -14.41 -2.75
C TYR A 29 1.17 -15.34 -2.86
N ALA A 30 2.35 -14.81 -2.57
CA ALA A 30 3.56 -15.60 -2.52
C ALA A 30 4.07 -15.62 -1.10
N PRO A 31 4.76 -16.70 -0.71
CA PRO A 31 5.34 -16.66 0.63
C PRO A 31 6.41 -15.60 0.65
N VAL A 32 6.28 -14.64 1.57
CA VAL A 32 7.29 -13.61 1.69
C VAL A 32 7.94 -13.72 3.06
N ASN A 33 9.27 -13.79 3.06
CA ASN A 33 10.04 -13.81 4.30
C ASN A 33 9.54 -12.69 5.21
N PRO A 34 9.26 -13.00 6.49
CA PRO A 34 8.81 -11.95 7.40
C PRO A 34 9.79 -10.78 7.42
N SER A 35 11.08 -11.09 7.47
CA SER A 35 12.12 -10.08 7.61
C SER A 35 12.11 -9.02 6.52
N VAL A 36 11.59 -9.36 5.34
CA VAL A 36 11.51 -8.39 4.25
C VAL A 36 10.84 -7.10 4.70
N VAL A 37 9.60 -7.20 5.20
CA VAL A 37 8.92 -6.03 5.73
C VAL A 37 9.58 -5.62 7.04
N ASN A 38 9.90 -6.61 7.85
CA ASN A 38 10.56 -6.40 9.13
C ASN A 38 11.83 -5.57 8.95
N ASP A 39 12.61 -5.91 7.93
CA ASP A 39 13.78 -5.13 7.57
C ASP A 39 13.34 -3.75 7.10
N PHE A 40 12.19 -3.68 6.43
CA PHE A 40 11.73 -2.43 5.84
C PHE A 40 11.46 -1.34 6.88
N ILE A 41 10.61 -1.62 7.87
CA ILE A 41 10.29 -0.62 8.89
C ILE A 41 11.54 -0.29 9.72
N THR A 42 12.38 -1.28 9.96
CA THR A 42 13.65 -1.09 10.66
C THR A 42 14.45 0.13 10.07
N ASP A 43 14.52 0.29 8.74
CA ASP A 43 15.29 1.38 8.15
C ASP A 43 14.49 2.62 7.86
N VAL A 44 13.24 2.41 7.53
CA VAL A 44 12.46 3.54 7.09
C VAL A 44 12.04 4.35 8.31
N PHE A 45 11.69 3.63 9.36
CA PHE A 45 11.09 4.25 10.54
C PHE A 45 12.00 4.26 11.76
N ILE A 46 12.91 3.29 11.88
CA ILE A 46 13.72 3.21 13.11
C ILE A 46 15.13 3.80 12.93
N GLU A 47 15.73 3.58 11.76
CA GLU A 47 17.08 4.09 11.50
C GLU A 47 17.04 5.26 10.53
N GLU A 48 16.21 5.18 9.51
CA GLU A 48 15.75 6.38 8.81
C GLU A 48 16.79 7.06 7.90
N LYS A 49 17.55 6.29 7.12
CA LYS A 49 18.65 6.89 6.36
C LYS A 49 18.23 7.59 5.06
N SER A 50 17.18 7.09 4.39
CA SER A 50 16.74 7.69 3.13
C SER A 50 15.24 7.56 2.88
N ALA A 51 14.45 8.25 3.68
CA ALA A 51 13.00 8.23 3.52
C ALA A 51 12.37 9.55 3.92
N VAL A 52 11.29 9.92 3.25
CA VAL A 52 10.50 11.09 3.61
C VAL A 52 9.03 10.78 3.41
N ALA A 53 8.22 11.11 4.42
CA ALA A 53 6.80 10.78 4.41
C ALA A 53 6.09 11.39 3.21
N GLY A 54 5.36 10.54 2.48
CA GLY A 54 4.61 10.99 1.34
C GLY A 54 3.66 9.93 0.80
N SER A 55 2.99 10.25 -0.29
CA SER A 55 2.11 9.30 -0.95
C SER A 55 2.55 9.07 -2.39
N LYS A 56 2.71 7.80 -2.77
CA LYS A 56 3.02 7.41 -4.15
C LYS A 56 4.49 7.68 -4.49
N ASN A 57 5.26 8.18 -3.53
CA ASN A 57 6.62 8.64 -3.78
C ASN A 57 7.72 7.56 -3.73
N GLY A 58 8.96 8.04 -3.59
CA GLY A 58 10.20 7.29 -3.73
C GLY A 58 10.41 5.82 -3.37
N GLY A 59 9.90 5.37 -2.23
CA GLY A 59 10.05 3.98 -1.80
C GLY A 59 11.32 3.22 -2.18
N SER A 60 12.44 3.74 -1.71
CA SER A 60 13.70 3.07 -1.89
C SER A 60 14.56 3.16 -0.63
N ALA A 61 15.23 2.06 -0.29
CA ALA A 61 16.29 2.12 0.70
C ALA A 61 17.14 0.83 0.76
N ALA A 62 18.30 0.93 1.40
CA ALA A 62 19.10 -0.22 1.73
C ALA A 62 19.44 -0.08 3.18
N SER A 63 19.14 -1.08 3.99
CA SER A 63 19.45 -1.01 5.42
C SER A 63 20.86 -1.46 5.49
N ASN A 64 21.55 -1.07 6.56
CA ASN A 64 22.90 -1.50 6.83
C ASN A 64 22.72 -2.33 8.09
N PRO A 65 23.81 -2.68 8.76
CA PRO A 65 23.72 -3.86 9.62
C PRO A 65 23.32 -3.62 11.06
N PRO A 66 22.77 -2.45 11.40
CA PRO A 66 22.17 -2.50 12.73
C PRO A 66 21.17 -3.65 12.83
N TYR A 67 20.31 -3.81 11.83
CA TYR A 67 19.42 -4.96 11.75
C TYR A 67 19.23 -5.49 10.32
N LYS A 68 20.34 -5.94 9.74
CA LYS A 68 20.34 -6.89 8.63
C LYS A 68 20.10 -6.32 7.22
N HIS A 69 20.21 -7.21 6.23
CA HIS A 69 20.58 -6.89 4.83
C HIS A 69 19.59 -6.11 3.96
N ASP A 70 18.37 -6.61 3.83
CA ASP A 70 17.23 -5.73 3.65
C ASP A 70 16.59 -5.58 2.24
N GLN A 71 17.26 -5.98 1.16
CA GLN A 71 16.71 -5.74 -0.18
C GLN A 71 16.62 -4.24 -0.42
N HIS A 72 15.63 -3.82 -1.19
CA HIS A 72 15.34 -2.41 -1.46
C HIS A 72 13.79 -2.35 -1.49
N SER A 73 13.19 -1.29 -0.97
CA SER A 73 12.01 -1.43 -0.08
C SER A 73 10.50 -1.27 -0.50
N LEU A 74 10.08 -1.82 -1.63
CA LEU A 74 8.67 -1.76 -2.04
C LEU A 74 8.22 -0.33 -2.31
N ARG A 75 6.91 -0.10 -2.26
CA ARG A 75 6.31 1.24 -2.17
C ARG A 75 5.27 1.25 -1.07
N TRP A 76 5.19 2.36 -0.33
CA TRP A 76 4.54 2.34 0.97
C TRP A 76 3.91 3.67 1.35
N THR A 77 2.94 3.61 2.27
CA THR A 77 2.27 4.81 2.76
C THR A 77 2.27 4.84 4.28
N PHE A 78 2.26 6.04 4.86
CA PHE A 78 2.19 6.21 6.32
C PHE A 78 1.07 7.18 6.72
N VAL A 79 0.24 6.74 7.67
CA VAL A 79 -0.77 7.58 8.32
C VAL A 79 -0.35 7.89 9.77
N LYS A 80 0.19 9.08 10.01
CA LYS A 80 0.72 9.43 11.32
C LYS A 80 -0.31 9.43 12.45
N GLU A 81 -1.50 9.98 12.17
CA GLU A 81 -2.56 10.06 13.16
C GLU A 81 -2.99 8.67 13.64
N LEU A 82 -3.07 7.73 12.72
CA LEU A 82 -3.52 6.39 13.06
C LEU A 82 -2.34 5.43 13.25
N GLY A 83 -1.19 5.82 12.69
CA GLY A 83 0.01 5.03 12.82
C GLY A 83 -0.04 3.70 12.10
N ILE A 84 -0.70 3.69 10.95
CA ILE A 84 -0.74 2.48 10.13
C ILE A 84 0.07 2.67 8.87
N ILE A 85 0.77 1.62 8.46
CA ILE A 85 1.60 1.65 7.27
C ILE A 85 1.08 0.67 6.23
N PHE A 86 1.17 1.07 4.97
CA PHE A 86 0.66 0.24 3.89
C PHE A 86 1.80 -0.21 3.00
N VAL A 87 2.08 -1.51 3.01
CA VAL A 87 3.12 -2.06 2.16
C VAL A 87 2.51 -2.96 1.09
N ALA A 88 2.83 -2.66 -0.16
CA ALA A 88 2.55 -3.56 -1.26
C ALA A 88 3.90 -4.08 -1.72
N VAL A 89 3.98 -5.36 -2.03
CA VAL A 89 5.29 -5.97 -2.26
C VAL A 89 5.62 -6.22 -3.73
N TYR A 90 6.67 -5.56 -4.17
CA TYR A 90 7.24 -5.78 -5.50
C TYR A 90 7.79 -7.22 -5.64
N ARG A 91 8.31 -7.55 -6.81
CA ARG A 91 9.21 -8.69 -6.92
C ARG A 91 10.54 -8.18 -7.42
N SER A 92 11.52 -8.08 -6.51
CA SER A 92 12.84 -7.50 -6.74
C SER A 92 13.04 -6.82 -8.10
N LEU A 93 12.47 -5.62 -8.23
CA LEU A 93 12.56 -4.78 -9.43
C LEU A 93 11.74 -5.30 -10.64
N LEU A 94 10.88 -6.29 -10.42
CA LEU A 94 9.72 -6.51 -11.31
C LEU A 94 8.62 -5.60 -10.78
N HIS A 95 7.61 -5.31 -11.59
CA HIS A 95 6.64 -4.30 -11.26
C HIS A 95 5.59 -3.96 -12.34
N LEU A 96 4.58 -3.20 -11.94
CA LEU A 96 3.73 -2.49 -12.89
C LEU A 96 2.98 -1.43 -12.14
N PRO A 97 3.25 -0.17 -12.43
CA PRO A 97 3.09 1.01 -11.57
C PRO A 97 1.76 1.03 -10.80
N TRP A 98 0.79 0.19 -11.17
CA TRP A 98 -0.53 0.16 -10.55
C TRP A 98 -0.56 0.14 -8.99
N VAL A 99 0.50 -0.39 -8.37
CA VAL A 99 0.52 -0.60 -6.94
C VAL A 99 0.57 0.75 -6.26
N ASP A 100 1.31 1.65 -6.90
CA ASP A 100 1.37 3.05 -6.51
C ASP A 100 -0.01 3.64 -6.43
N LYS A 101 -0.69 3.61 -7.58
CA LYS A 101 -2.09 3.92 -7.67
C LYS A 101 -2.85 3.09 -6.63
N LEU A 102 -2.47 1.82 -6.50
CA LEU A 102 -3.11 0.93 -5.54
C LEU A 102 -2.86 1.36 -4.10
N VAL A 103 -1.59 1.38 -3.71
CA VAL A 103 -1.23 1.52 -2.29
C VAL A 103 -1.70 2.80 -1.60
N ASP A 104 -1.68 3.94 -2.28
CA ASP A 104 -2.04 5.19 -1.60
C ASP A 104 -3.55 5.31 -1.43
N ASN A 105 -4.27 5.16 -2.53
CA ASN A 105 -5.71 5.18 -2.47
C ASN A 105 -6.21 4.06 -1.56
N ILE A 106 -5.54 2.91 -1.61
CA ILE A 106 -5.99 1.76 -0.84
C ILE A 106 -5.91 2.05 0.65
N ARG A 107 -5.05 3.00 1.03
CA ARG A 107 -5.09 3.52 2.38
C ARG A 107 -6.36 4.36 2.53
N ALA A 108 -6.72 5.08 1.47
CA ALA A 108 -7.89 5.95 1.49
C ALA A 108 -9.18 5.15 1.74
N ILE A 109 -9.28 3.96 1.18
CA ILE A 109 -10.40 3.09 1.49
C ILE A 109 -10.31 2.61 2.94
N PHE A 110 -9.19 1.97 3.27
CA PHE A 110 -8.98 1.45 4.61
C PHE A 110 -9.16 2.50 5.69
N VAL A 111 -8.60 3.69 5.46
CA VAL A 111 -8.75 4.77 6.41
C VAL A 111 -10.23 5.11 6.53
N SER A 112 -10.85 5.34 5.39
CA SER A 112 -12.27 5.66 5.34
C SER A 112 -13.09 4.70 6.18
N LEU A 113 -12.91 3.40 5.96
CA LEU A 113 -13.75 2.41 6.60
C LEU A 113 -13.46 2.25 8.10
N TYR A 114 -12.21 2.37 8.50
CA TYR A 114 -11.86 2.04 9.87
C TYR A 114 -11.16 3.17 10.63
N SER A 115 -11.14 4.37 10.07
CA SER A 115 -10.42 5.49 10.69
C SER A 115 -10.94 5.80 12.09
N GLU A 116 -12.23 5.55 12.29
CA GLU A 116 -12.88 5.82 13.58
C GLU A 116 -12.34 4.96 14.71
N GLN A 117 -11.83 3.78 14.35
CA GLN A 117 -11.53 2.76 15.34
C GLN A 117 -10.24 3.01 16.12
N PHE A 118 -9.30 3.71 15.49
CA PHE A 118 -8.01 3.98 16.12
C PHE A 118 -8.18 4.93 17.30
N LYS A 119 -9.33 5.59 17.36
CA LYS A 119 -9.62 6.52 18.44
C LYS A 119 -9.65 5.80 19.78
N ARG A 120 -10.33 4.65 19.84
CA ARG A 120 -10.30 3.82 21.04
C ARG A 120 -8.86 3.55 21.45
N PRO A 121 -8.52 3.83 22.72
CA PRO A 121 -7.11 3.88 23.11
C PRO A 121 -6.60 2.59 23.70
N ASN A 122 -7.48 1.85 24.38
CA ASN A 122 -7.05 0.71 25.18
C ASN A 122 -6.43 -0.44 24.40
N THR A 123 -6.83 -0.64 23.15
CA THR A 123 -6.51 -1.87 22.45
C THR A 123 -5.89 -1.75 21.05
N THR A 124 -5.14 -2.77 20.67
CA THR A 124 -4.51 -2.87 19.35
C THR A 124 -5.43 -3.55 18.35
N ILE A 125 -6.68 -3.74 18.73
CA ILE A 125 -7.62 -4.47 17.91
C ILE A 125 -8.45 -3.57 17.02
N ILE A 126 -8.16 -3.61 15.73
CA ILE A 126 -9.04 -3.02 14.74
C ILE A 126 -9.61 -4.14 13.89
N GLU A 127 -10.92 -4.30 13.97
CA GLU A 127 -11.57 -5.34 13.20
C GLU A 127 -11.99 -4.76 11.86
N CYS A 128 -11.29 -5.21 10.81
CA CYS A 128 -11.45 -4.71 9.46
C CYS A 128 -11.86 -5.84 8.53
N ILE A 129 -12.49 -6.88 9.09
CA ILE A 129 -12.68 -8.17 8.42
C ILE A 129 -13.38 -8.11 7.07
N ASN A 130 -14.34 -7.21 6.89
CA ASN A 130 -15.07 -7.17 5.63
C ASN A 130 -14.23 -6.61 4.46
N PHE A 131 -13.06 -6.08 4.78
CA PHE A 131 -12.21 -5.35 3.83
C PHE A 131 -11.96 -6.07 2.50
N ASP A 132 -11.58 -7.35 2.57
CA ASP A 132 -11.16 -8.11 1.40
C ASP A 132 -12.08 -7.95 0.18
N LYS A 133 -13.37 -7.76 0.43
CA LYS A 133 -14.35 -7.56 -0.62
C LYS A 133 -13.99 -6.31 -1.43
N TYR A 134 -13.81 -5.19 -0.72
CA TYR A 134 -13.43 -3.93 -1.35
C TYR A 134 -12.14 -4.06 -2.11
N PHE A 135 -11.17 -4.73 -1.47
CA PHE A 135 -9.84 -4.93 -2.00
C PHE A 135 -9.86 -5.57 -3.39
N ASP A 136 -10.67 -6.60 -3.55
CA ASP A 136 -10.80 -7.29 -4.82
C ASP A 136 -11.31 -6.35 -5.90
N GLN A 137 -12.38 -5.62 -5.57
CA GLN A 137 -12.97 -4.62 -6.46
C GLN A 137 -11.90 -3.67 -6.98
N GLN A 138 -11.04 -3.25 -6.06
CA GLN A 138 -9.96 -2.33 -6.39
C GLN A 138 -8.94 -3.02 -7.30
N LEU A 139 -8.50 -4.22 -6.93
CA LEU A 139 -7.45 -4.92 -7.67
C LEU A 139 -7.79 -5.02 -9.15
N GLN A 140 -9.07 -5.25 -9.43
CA GLN A 140 -9.50 -5.50 -10.80
C GLN A 140 -9.35 -4.24 -11.65
N GLU A 141 -9.68 -3.10 -11.06
CA GLU A 141 -9.71 -1.83 -11.79
C GLU A 141 -8.33 -1.45 -12.35
N LEU A 142 -7.29 -2.12 -11.85
CA LEU A 142 -5.93 -1.90 -12.33
C LEU A 142 -5.45 -3.13 -13.10
N GLU A 143 -6.14 -4.25 -12.88
CA GLU A 143 -6.04 -5.44 -13.73
C GLU A 143 -4.76 -6.24 -13.58
N PRO B 11 -0.66 0.12 37.61
CA PRO B 11 -1.03 -1.23 37.16
C PRO B 11 -0.34 -1.57 35.84
N SER B 12 0.98 -1.46 35.81
CA SER B 12 1.71 -1.65 34.56
C SER B 12 2.74 -2.75 34.65
N VAL B 13 2.78 -3.58 33.61
CA VAL B 13 3.83 -4.57 33.47
C VAL B 13 4.55 -4.35 32.13
N LEU B 14 5.86 -4.18 32.21
CA LEU B 14 6.66 -3.90 31.03
C LEU B 14 7.11 -5.16 30.30
N LEU B 15 6.72 -5.28 29.04
CA LEU B 15 7.26 -6.32 28.18
C LEU B 15 8.56 -5.85 27.55
N ILE B 16 9.65 -6.57 27.77
CA ILE B 16 10.96 -6.18 27.25
C ILE B 16 11.70 -7.34 26.59
N GLY B 17 12.50 -7.03 25.58
CA GLY B 17 13.29 -8.03 24.87
C GLY B 17 13.74 -7.58 23.50
N PRO B 18 14.62 -8.36 22.86
CA PRO B 18 15.12 -8.06 21.51
C PRO B 18 14.07 -8.35 20.44
N SER B 19 14.30 -7.85 19.23
CA SER B 19 13.38 -8.08 18.13
C SER B 19 13.29 -9.57 17.79
N GLY B 20 12.13 -9.99 17.32
CA GLY B 20 11.92 -11.39 17.01
C GLY B 20 11.56 -12.22 18.24
N ALA B 21 11.66 -11.62 19.42
CA ALA B 21 11.30 -12.32 20.66
C ALA B 21 9.83 -12.71 20.66
N GLY B 22 9.04 -12.04 19.83
CA GLY B 22 7.61 -12.23 19.84
C GLY B 22 6.98 -11.35 20.89
N LYS B 23 7.68 -10.26 21.20
CA LYS B 23 7.23 -9.25 22.16
C LYS B 23 5.85 -8.71 21.79
N THR B 24 5.75 -8.12 20.61
CA THR B 24 4.50 -7.56 20.11
C THR B 24 3.42 -8.62 19.89
N ALA B 25 3.82 -9.87 19.66
CA ALA B 25 2.87 -10.93 19.33
C ALA B 25 2.28 -11.57 20.57
N LEU B 26 3.10 -11.71 21.61
CA LEU B 26 2.60 -12.15 22.90
C LEU B 26 1.51 -11.21 23.37
N LEU B 27 1.79 -9.91 23.24
CA LEU B 27 0.81 -8.87 23.54
C LEU B 27 -0.53 -9.17 22.87
N THR B 28 -0.45 -9.51 21.59
CA THR B 28 -1.65 -9.80 20.80
C THR B 28 -2.41 -11.00 21.36
N LEU B 29 -1.65 -11.97 21.86
CA LEU B 29 -2.22 -13.22 22.35
C LEU B 29 -3.14 -13.02 23.54
N PHE B 30 -2.74 -12.14 24.45
CA PHE B 30 -3.46 -11.92 25.70
C PHE B 30 -4.77 -11.16 25.50
N GLU B 31 -4.75 -10.23 24.55
CA GLU B 31 -5.93 -9.42 24.25
C GLU B 31 -7.06 -10.20 23.57
N ARG B 32 -6.69 -11.11 22.68
CA ARG B 32 -7.67 -11.84 21.88
C ARG B 32 -8.12 -13.13 22.57
N GLY B 33 -7.48 -13.44 23.70
CA GLY B 33 -7.83 -14.61 24.48
C GLY B 33 -9.32 -14.71 24.77
N PRO B 34 -9.87 -13.72 25.51
CA PRO B 34 -11.32 -13.71 25.79
C PRO B 34 -12.16 -13.56 24.52
N LEU B 35 -11.58 -13.03 23.44
CA LEU B 35 -12.34 -12.72 22.24
C LEU B 35 -12.74 -13.92 21.35
N LEU B 36 -12.07 -15.06 21.52
CA LEU B 36 -12.47 -16.26 20.76
C LEU B 36 -12.62 -17.50 21.65
N ASN B 37 -13.70 -18.25 21.47
CA ASN B 37 -13.81 -19.52 22.18
C ASN B 37 -12.76 -20.48 21.69
N PRO B 38 -12.48 -21.52 22.50
CA PRO B 38 -11.71 -22.68 22.05
C PRO B 38 -12.32 -23.17 20.75
N ASP B 39 -11.49 -23.44 19.75
CA ASP B 39 -11.86 -23.64 18.34
C ASP B 39 -11.73 -22.30 17.60
N GLY B 40 -11.13 -21.32 18.27
CA GLY B 40 -10.75 -20.08 17.64
C GLY B 40 -11.93 -19.37 17.01
N THR B 41 -13.12 -19.61 17.54
CA THR B 41 -14.35 -18.99 17.09
C THR B 41 -14.34 -17.54 17.52
N SER B 42 -14.80 -16.65 16.66
CA SER B 42 -15.05 -15.26 17.05
C SER B 42 -16.19 -15.22 18.05
N VAL B 43 -15.89 -14.87 19.29
CA VAL B 43 -16.91 -14.77 20.34
C VAL B 43 -18.02 -13.77 19.98
N GLY B 44 -17.73 -12.89 19.02
CA GLY B 44 -18.65 -11.85 18.61
C GLY B 44 -18.89 -11.69 17.11
N ALA B 45 -19.53 -12.70 16.51
CA ALA B 45 -19.98 -12.64 15.11
C ALA B 45 -21.52 -12.65 15.03
N ALA B 46 -22.17 -12.68 16.19
CA ALA B 46 -23.56 -12.27 16.22
C ALA B 46 -23.51 -10.76 16.12
N ASP B 47 -23.42 -10.29 14.88
CA ASP B 47 -23.29 -8.87 14.58
C ASP B 47 -24.48 -8.09 15.13
N LEU B 48 -24.33 -6.77 15.14
CA LEU B 48 -25.41 -5.85 15.45
C LEU B 48 -25.96 -6.01 16.86
N LYS B 49 -25.02 -6.01 17.80
CA LYS B 49 -25.30 -5.75 19.20
C LYS B 49 -24.53 -4.49 19.57
N ASN B 50 -25.22 -3.36 19.46
CA ASN B 50 -24.59 -2.09 19.70
C ASN B 50 -23.86 -2.00 21.05
N PRO B 51 -24.62 -2.06 22.14
CA PRO B 51 -24.04 -1.75 23.45
C PRO B 51 -22.75 -2.50 23.80
N TYR B 52 -22.64 -3.78 23.46
CA TYR B 52 -21.61 -4.59 24.10
C TYR B 52 -20.66 -5.40 23.23
N ARG B 53 -21.03 -5.58 21.97
CA ARG B 53 -20.39 -6.59 21.14
C ARG B 53 -18.87 -6.40 21.04
N LYS B 54 -18.14 -7.44 21.42
CA LYS B 54 -16.68 -7.40 21.36
C LYS B 54 -16.24 -7.52 19.91
N PRO B 55 -15.10 -6.91 19.57
CA PRO B 55 -14.68 -6.94 18.17
C PRO B 55 -14.43 -8.38 17.75
N ILE B 56 -14.72 -8.72 16.51
CA ILE B 56 -14.42 -10.05 16.03
C ILE B 56 -12.93 -10.18 15.77
N VAL B 57 -12.36 -11.30 16.19
CA VAL B 57 -10.95 -11.59 15.99
C VAL B 57 -10.82 -12.89 15.18
N THR B 58 -9.92 -12.89 14.19
CA THR B 58 -9.81 -14.03 13.28
C THR B 58 -8.82 -15.08 13.77
N SER B 59 -7.88 -14.66 14.60
CA SER B 59 -6.86 -15.55 15.14
C SER B 59 -6.49 -15.15 16.57
N PRO B 60 -6.12 -16.13 17.40
CA PRO B 60 -5.75 -15.88 18.81
C PRO B 60 -4.47 -15.06 18.92
N VAL B 61 -3.67 -15.05 17.86
CA VAL B 61 -2.55 -14.13 17.73
C VAL B 61 -2.47 -13.69 16.28
N ALA B 62 -2.11 -12.43 16.04
CA ALA B 62 -2.06 -11.90 14.68
C ALA B 62 -0.63 -11.74 14.19
N GLN B 63 -0.46 -11.69 12.88
CA GLN B 63 0.84 -11.40 12.31
C GLN B 63 1.35 -10.09 12.88
N THR B 64 2.66 -10.00 13.06
CA THR B 64 3.27 -8.77 13.51
C THR B 64 4.60 -8.58 12.82
N HIS B 65 5.05 -7.32 12.73
CA HIS B 65 6.43 -7.02 12.36
C HIS B 65 7.01 -6.20 13.49
N THR B 66 8.30 -5.87 13.41
CA THR B 66 8.99 -5.28 14.57
C THR B 66 8.32 -4.00 15.09
N SER B 67 8.08 -3.97 16.39
CA SER B 67 7.47 -2.82 17.02
C SER B 67 8.40 -1.63 16.94
N GLN B 68 7.91 -0.52 16.40
CA GLN B 68 8.65 0.69 16.40
C GLN B 68 8.22 1.64 17.48
N VAL B 69 7.25 1.25 18.29
CA VAL B 69 6.81 2.11 19.38
C VAL B 69 6.30 1.29 20.54
N PRO B 70 6.41 1.88 21.80
CA PRO B 70 5.68 1.17 22.83
C PRO B 70 4.22 1.25 22.52
N THR B 71 3.50 0.15 22.69
CA THR B 71 2.04 0.12 22.72
C THR B 71 1.58 -0.31 24.09
N SER B 72 0.72 0.49 24.70
CA SER B 72 0.11 0.10 25.95
C SER B 72 -1.31 -0.38 25.70
N VAL B 73 -1.63 -1.54 26.28
CA VAL B 73 -2.85 -2.24 25.94
C VAL B 73 -3.68 -2.55 27.18
N GLU B 74 -5.00 -2.51 27.03
CA GLU B 74 -5.93 -2.77 28.12
C GLU B 74 -6.07 -4.27 28.39
N LEU B 75 -5.86 -4.67 29.64
CA LEU B 75 -6.00 -6.08 30.00
C LEU B 75 -6.55 -6.25 31.41
N ALA B 76 -7.36 -7.27 31.58
CA ALA B 76 -7.94 -7.60 32.88
C ALA B 76 -7.55 -9.02 33.27
N VAL B 77 -7.10 -9.16 34.51
CA VAL B 77 -6.80 -10.48 35.04
C VAL B 77 -7.93 -10.95 35.94
N GLY B 78 -8.48 -12.11 35.64
CA GLY B 78 -9.43 -12.74 36.53
C GLY B 78 -8.71 -13.61 37.55
N ALA B 79 -9.10 -13.51 38.81
CA ALA B 79 -8.65 -14.43 39.84
C ALA B 79 -9.82 -14.91 40.69
N ASN B 80 -10.70 -15.70 40.09
CA ASN B 80 -11.76 -16.37 40.84
C ASN B 80 -11.12 -17.20 41.93
N GLU B 81 -11.64 -17.11 43.16
CA GLU B 81 -10.92 -17.61 44.32
C GLU B 81 -10.65 -19.11 44.24
N ASP B 82 -9.40 -19.47 44.54
CA ASP B 82 -8.83 -20.79 44.34
C ASP B 82 -8.42 -20.95 42.88
N GLY B 83 -8.84 -20.01 42.05
CA GLY B 83 -8.53 -20.08 40.63
C GLY B 83 -7.09 -19.73 40.32
N THR B 84 -6.41 -19.10 41.27
CA THR B 84 -5.19 -18.34 41.01
C THR B 84 -5.59 -17.25 40.06
N PRO B 85 -4.64 -16.63 39.35
CA PRO B 85 -5.22 -15.85 38.24
C PRO B 85 -5.96 -16.79 37.31
N THR B 86 -7.25 -16.58 37.03
CA THR B 86 -7.89 -17.45 36.05
C THR B 86 -7.17 -17.20 34.74
N SER B 87 -7.44 -18.06 33.76
CA SER B 87 -6.87 -17.94 32.42
C SER B 87 -7.11 -16.56 31.82
N TYR B 88 -6.33 -16.20 30.80
CA TYR B 88 -6.53 -14.94 30.10
C TYR B 88 -7.62 -15.06 29.03
N LYS B 89 -8.12 -16.28 28.83
CA LYS B 89 -9.13 -16.55 27.80
C LYS B 89 -10.57 -16.59 28.33
N VAL B 90 -10.74 -16.33 29.62
CA VAL B 90 -12.06 -16.25 30.20
C VAL B 90 -12.58 -14.82 30.08
N ASP B 91 -13.85 -14.67 29.71
CA ASP B 91 -14.44 -13.35 29.55
C ASP B 91 -14.94 -12.84 30.89
N LEU B 92 -14.94 -11.53 31.07
CA LEU B 92 -15.30 -10.92 32.33
C LEU B 92 -16.26 -9.73 32.16
N ASP B 93 -17.31 -9.71 32.97
CA ASP B 93 -18.33 -8.69 32.85
C ASP B 93 -19.29 -8.68 34.03
N ALA B 97 -15.80 -4.31 37.61
CA ALA B 97 -16.16 -5.70 37.43
C ALA B 97 -15.56 -6.58 38.51
N THR B 98 -15.29 -7.84 38.17
CA THR B 98 -14.69 -8.78 39.11
C THR B 98 -13.27 -9.12 38.69
N ALA B 99 -12.42 -8.11 38.61
CA ALA B 99 -11.05 -8.29 38.15
C ALA B 99 -10.10 -7.20 38.59
N ARG B 100 -8.86 -7.57 38.88
CA ARG B 100 -7.78 -6.62 38.95
C ARG B 100 -7.54 -6.15 37.53
N LYS B 101 -7.23 -4.87 37.34
CA LYS B 101 -6.98 -4.37 36.00
C LYS B 101 -5.57 -3.81 35.90
N PHE B 102 -4.93 -4.01 34.75
CA PHE B 102 -3.56 -3.58 34.57
C PHE B 102 -3.25 -3.22 33.12
N LEU B 103 -2.11 -2.57 32.93
CA LEU B 103 -1.63 -2.20 31.61
C LEU B 103 -0.41 -3.03 31.22
N LEU B 104 -0.47 -3.68 30.08
CA LEU B 104 0.70 -4.38 29.59
C LEU B 104 1.23 -3.52 28.51
N ILE B 105 2.50 -3.20 28.60
CA ILE B 105 3.07 -2.27 27.66
C ILE B 105 4.12 -3.01 26.91
N ASP B 106 3.94 -3.13 25.63
CA ASP B 106 4.92 -3.79 24.81
C ASP B 106 5.93 -2.72 24.55
N THR B 107 7.15 -3.08 24.19
CA THR B 107 8.19 -2.09 23.92
C THR B 107 9.00 -2.54 22.71
N PRO B 108 9.70 -1.59 22.06
CA PRO B 108 10.56 -1.97 20.94
C PRO B 108 11.83 -2.68 21.39
N GLY B 109 12.34 -3.59 20.55
CA GLY B 109 13.51 -4.37 20.89
C GLY B 109 14.76 -3.91 20.19
N HIS B 110 14.59 -3.21 19.08
CA HIS B 110 15.71 -2.62 18.35
C HIS B 110 16.60 -1.80 19.28
N PRO B 111 17.92 -2.06 19.25
CA PRO B 111 18.90 -1.47 20.18
C PRO B 111 18.78 0.05 20.27
N LYS B 112 18.35 0.68 19.19
CA LYS B 112 18.17 2.12 19.15
C LYS B 112 16.98 2.55 20.01
N LEU B 113 15.96 1.71 20.05
CA LEU B 113 14.71 2.05 20.73
C LEU B 113 14.64 1.48 22.14
N ARG B 114 15.59 0.62 22.50
CA ARG B 114 15.65 0.08 23.84
C ARG B 114 15.91 1.18 24.88
N GLY B 115 16.77 2.13 24.53
CA GLY B 115 17.27 3.13 25.46
C GLY B 115 16.24 3.94 26.23
N THR B 116 15.23 4.44 25.52
CA THR B 116 14.18 5.24 26.15
C THR B 116 13.48 4.45 27.25
N THR B 117 13.11 3.21 26.93
CA THR B 117 12.45 2.34 27.89
C THR B 117 13.28 2.21 29.18
N LEU B 118 14.59 2.09 29.03
CA LEU B 118 15.46 1.88 30.18
C LEU B 118 15.51 3.10 31.07
N GLN B 119 15.43 4.28 30.47
CA GLN B 119 15.37 5.53 31.22
C GLN B 119 14.19 5.47 32.20
N HIS B 120 13.07 4.90 31.73
CA HIS B 120 11.92 4.64 32.59
C HIS B 120 12.25 3.68 33.72
N LEU B 121 12.97 2.62 33.38
CA LEU B 121 13.38 1.63 34.38
C LEU B 121 14.28 2.23 35.43
N LEU B 122 15.12 3.18 35.03
CA LEU B 122 16.17 3.70 35.90
C LEU B 122 15.66 4.72 36.92
N ASN B 123 14.83 5.65 36.46
CA ASN B 123 14.17 6.57 37.38
C ASN B 123 12.97 5.88 38.00
N PRO B 124 12.93 5.77 39.34
CA PRO B 124 11.91 4.97 40.03
C PRO B 124 10.53 5.59 39.92
N SER B 125 10.02 6.04 41.06
CA SER B 125 8.78 6.80 41.11
C SER B 125 8.74 8.06 40.22
N PRO B 126 9.86 8.84 40.15
CA PRO B 126 9.79 10.19 39.57
C PRO B 126 9.12 10.20 38.19
N SER B 127 9.75 9.55 37.21
CA SER B 127 9.12 9.36 35.92
C SER B 127 7.75 8.72 36.04
N LEU B 128 7.62 7.81 37.00
CA LEU B 128 6.57 6.81 36.97
C LEU B 128 6.78 5.97 35.71
N THR B 129 5.71 5.72 34.97
CA THR B 129 5.82 5.02 33.70
C THR B 129 4.65 5.37 32.80
N ILE B 130 4.62 6.62 32.34
CA ILE B 130 3.61 7.04 31.39
C ILE B 130 4.26 7.38 30.06
N ILE B 131 3.82 6.68 29.02
CA ILE B 131 4.28 6.93 27.67
C ILE B 131 3.33 7.88 26.98
N PRO B 132 3.86 8.92 26.33
CA PRO B 132 3.00 9.79 25.53
C PRO B 132 2.71 9.11 24.21
N THR B 133 1.61 8.37 24.15
CA THR B 133 1.32 7.54 22.97
C THR B 133 1.22 8.39 21.71
N ASN B 134 1.18 7.71 20.56
CA ASN B 134 1.29 8.34 19.24
C ASN B 134 2.76 8.71 18.98
N ALA B 135 3.64 8.24 19.87
CA ALA B 135 5.09 8.46 19.77
C ALA B 135 5.79 7.94 21.02
N PRO B 136 7.11 8.20 21.14
CA PRO B 136 7.88 8.02 22.37
C PRO B 136 8.22 9.37 23.02
N ASN B 137 8.56 9.40 24.30
CA ASN B 137 8.97 10.68 24.87
C ASN B 137 10.43 10.71 25.30
N LYS B 138 11.08 11.81 24.96
CA LYS B 138 12.52 11.99 25.12
C LYS B 138 13.27 10.73 24.69
N SER B 144 -7.69 9.54 25.72
CA SER B 144 -8.84 9.34 24.83
C SER B 144 -9.91 8.48 25.52
N HIS B 145 -9.61 8.03 26.72
CA HIS B 145 -10.62 7.61 27.68
C HIS B 145 -10.17 8.07 29.06
N SER B 146 -10.98 8.89 29.70
CA SER B 146 -10.54 9.59 30.90
C SER B 146 -11.38 9.30 32.14
N ASP B 147 -10.69 8.77 33.15
CA ASP B 147 -11.21 8.66 34.51
C ASP B 147 -9.98 8.42 35.37
N PRO B 148 -10.12 8.49 36.70
CA PRO B 148 -8.93 8.28 37.53
C PRO B 148 -8.24 6.93 37.26
N TYR B 149 -7.26 6.95 36.35
CA TYR B 149 -6.47 5.76 36.06
C TYR B 149 -5.01 6.03 36.44
N LYS B 150 -4.27 4.97 36.74
CA LYS B 150 -2.86 5.15 37.07
C LYS B 150 -1.93 4.27 36.22
N SER B 151 -0.64 4.56 36.31
CA SER B 151 0.39 3.81 35.60
C SER B 151 1.51 3.41 36.57
N LYS B 152 1.20 2.51 37.50
CA LYS B 152 2.20 2.04 38.46
C LYS B 152 3.03 0.92 37.84
N LEU B 153 4.29 0.82 38.25
CA LEU B 153 5.17 -0.23 37.75
C LEU B 153 5.49 -1.23 38.85
N LYS B 154 4.89 -2.41 38.76
CA LYS B 154 5.12 -3.42 39.78
C LYS B 154 5.88 -4.62 39.24
N ALA B 155 5.83 -4.82 37.92
CA ALA B 155 6.52 -5.96 37.32
C ALA B 155 7.09 -5.67 35.95
N VAL B 156 8.18 -6.34 35.63
CA VAL B 156 8.77 -6.27 34.30
C VAL B 156 9.03 -7.66 33.75
N ILE B 157 8.70 -7.85 32.48
CA ILE B 157 8.91 -9.13 31.82
C ILE B 157 9.97 -9.00 30.74
N PHE B 158 10.96 -9.90 30.77
CA PHE B 158 11.97 -9.93 29.73
C PHE B 158 11.75 -11.13 28.83
N LEU B 159 11.35 -10.87 27.59
CA LEU B 159 11.03 -11.95 26.67
C LEU B 159 12.14 -12.23 25.68
N LEU B 160 12.57 -13.48 25.62
CA LEU B 160 13.60 -13.91 24.68
C LEU B 160 13.10 -15.04 23.79
N ASP B 161 13.84 -15.31 22.72
CA ASP B 161 13.58 -16.43 21.83
C ASP B 161 14.48 -17.59 22.22
N ALA B 162 13.89 -18.63 22.81
CA ALA B 162 14.66 -19.79 23.26
C ALA B 162 14.97 -20.76 22.12
N ALA B 163 14.40 -20.48 20.95
CA ALA B 163 14.72 -21.24 19.74
C ALA B 163 15.95 -20.65 19.07
N ALA B 164 16.02 -19.32 19.05
CA ALA B 164 17.15 -18.62 18.47
C ALA B 164 18.36 -18.70 19.39
N LEU B 165 18.10 -18.82 20.69
CA LEU B 165 19.16 -18.96 21.68
C LEU B 165 20.00 -20.22 21.42
N ALA B 166 19.37 -21.22 20.83
CA ALA B 166 20.03 -22.49 20.54
C ALA B 166 21.16 -22.36 19.54
N ASP B 167 21.04 -21.38 18.63
CA ASP B 167 21.98 -21.23 17.52
C ASP B 167 23.43 -21.09 17.99
N SER B 168 24.32 -21.79 17.29
CA SER B 168 25.73 -21.82 17.63
C SER B 168 26.42 -20.48 17.36
N ASP B 169 25.77 -19.66 16.54
CA ASP B 169 26.26 -18.32 16.25
C ASP B 169 26.50 -17.58 17.56
N GLY B 170 25.67 -17.91 18.56
CA GLY B 170 25.88 -17.44 19.92
C GLY B 170 25.93 -15.94 20.04
N ASP B 171 25.59 -15.25 18.96
CA ASP B 171 25.50 -13.79 19.02
C ASP B 171 24.27 -13.43 19.83
N TYR B 172 23.21 -14.20 19.64
CA TYR B 172 21.94 -13.94 20.28
C TYR B 172 22.05 -13.92 21.80
N LEU B 173 22.57 -14.99 22.39
CA LEU B 173 22.74 -15.03 23.84
C LEU B 173 23.58 -13.86 24.33
N SER B 174 24.67 -13.58 23.63
CA SER B 174 25.56 -12.47 24.01
C SER B 174 24.85 -11.12 23.93
N GLN B 175 24.28 -10.77 22.78
CA GLN B 175 23.61 -9.48 22.67
C GLN B 175 22.32 -9.50 23.50
N THR B 176 21.63 -10.63 23.53
CA THR B 176 20.43 -10.75 24.35
C THR B 176 20.74 -10.61 25.84
N ALA B 177 21.76 -11.33 26.30
CA ALA B 177 22.13 -11.27 27.71
C ALA B 177 22.63 -9.88 28.08
N SER B 178 23.28 -9.21 27.12
CA SER B 178 23.78 -7.87 27.37
C SER B 178 22.62 -6.93 27.68
N TYR B 179 21.60 -6.94 26.84
CA TYR B 179 20.38 -6.16 27.07
C TYR B 179 19.78 -6.48 28.44
N LEU B 180 19.57 -7.76 28.72
CA LEU B 180 19.11 -8.18 30.04
C LEU B 180 20.00 -7.61 31.14
N TYR B 181 21.31 -7.62 30.91
CA TYR B 181 22.26 -7.08 31.87
C TYR B 181 21.89 -5.64 32.25
N ASP B 182 21.72 -4.78 31.25
CA ASP B 182 21.28 -3.41 31.49
C ASP B 182 19.91 -3.38 32.16
N VAL B 183 18.97 -4.16 31.63
CA VAL B 183 17.62 -4.22 32.19
C VAL B 183 17.67 -4.52 33.68
N LEU B 184 18.34 -5.59 34.05
CA LEU B 184 18.49 -5.94 35.45
C LEU B 184 19.31 -4.90 36.20
N LEU B 185 20.30 -4.33 35.52
CA LEU B 185 21.18 -3.33 36.14
C LEU B 185 20.43 -2.06 36.51
N SER B 186 19.54 -1.62 35.63
CA SER B 186 18.79 -0.38 35.83
C SER B 186 17.88 -0.47 37.04
N LEU B 187 17.11 -1.56 37.10
CA LEU B 187 16.28 -1.87 38.26
C LEU B 187 17.12 -1.88 39.53
N GLN B 188 18.35 -2.39 39.43
CA GLN B 188 19.29 -2.35 40.54
C GLN B 188 19.58 -0.91 40.94
N LYS B 189 19.76 -0.04 39.96
CA LYS B 189 19.92 1.39 40.20
C LYS B 189 18.63 1.97 40.75
N ARG B 190 17.51 1.41 40.31
CA ARG B 190 16.19 1.81 40.80
C ARG B 190 16.04 1.52 42.29
N PHE B 191 16.59 0.38 42.74
CA PHE B 191 16.55 0.03 44.15
C PHE B 191 17.34 1.05 44.97
N HIS B 192 18.46 1.50 44.41
CA HIS B 192 19.28 2.51 45.06
C HIS B 192 18.60 3.88 44.91
N SER B 193 17.47 3.88 44.23
CA SER B 193 16.63 5.08 44.10
C SER B 193 15.33 4.94 44.89
N ARG B 194 15.42 4.29 46.05
CA ARG B 194 14.25 4.11 46.90
C ARG B 194 13.83 5.45 47.50
N LYS B 195 14.76 6.40 47.52
CA LYS B 195 14.55 7.73 48.08
C LYS B 195 13.32 8.40 47.49
N ASN B 196 13.20 8.29 46.17
CA ASN B 196 12.07 8.85 45.43
C ASN B 196 10.87 7.92 45.42
N ARG B 198 12.51 6.72 49.92
CA ARG B 198 11.80 6.53 51.17
C ARG B 198 10.60 5.62 50.95
N ALA B 199 10.31 5.36 49.67
CA ALA B 199 9.24 4.45 49.29
C ALA B 199 9.74 3.45 48.25
N PRO B 200 10.59 2.51 48.67
CA PRO B 200 11.10 1.56 47.69
C PRO B 200 10.02 0.58 47.25
N SER B 201 10.06 0.18 46.00
CA SER B 201 9.19 -0.89 45.53
C SER B 201 10.04 -2.01 44.97
N SER B 202 9.66 -3.24 45.28
CA SER B 202 10.33 -4.40 44.74
C SER B 202 9.82 -4.63 43.32
N ILE B 203 10.75 -4.74 42.36
CA ILE B 203 10.36 -5.08 41.00
C ILE B 203 10.75 -6.52 40.66
N PRO B 204 9.77 -7.43 40.74
CA PRO B 204 9.95 -8.83 40.34
C PRO B 204 10.05 -8.92 38.83
N VAL B 205 11.02 -9.68 38.34
CA VAL B 205 11.23 -9.78 36.91
C VAL B 205 11.00 -11.20 36.40
N LEU B 206 10.20 -11.32 35.36
CA LEU B 206 10.03 -12.60 34.67
C LEU B 206 10.92 -12.65 33.44
N ILE B 207 11.84 -13.59 33.42
CA ILE B 207 12.56 -13.92 32.19
C ILE B 207 11.78 -15.04 31.52
N ALA B 208 11.19 -14.73 30.37
CA ALA B 208 10.35 -15.69 29.67
C ALA B 208 11.02 -16.21 28.40
N ALA B 209 11.26 -17.52 28.36
CA ALA B 209 11.82 -18.16 27.18
C ALA B 209 10.74 -18.55 26.20
N ASN B 210 10.56 -17.72 25.18
CA ASN B 210 9.47 -17.91 24.21
C ASN B 210 9.89 -18.81 23.04
N LYS B 211 9.05 -18.85 22.01
CA LYS B 211 9.28 -19.67 20.82
C LYS B 211 9.44 -21.14 21.21
N GLN B 212 8.53 -21.63 22.05
CA GLN B 212 8.74 -22.89 22.72
C GLN B 212 8.06 -24.08 22.06
N ASP B 213 7.33 -23.83 20.99
CA ASP B 213 6.78 -24.94 20.23
C ASP B 213 7.82 -25.49 19.27
N LEU B 214 8.82 -24.65 18.95
CA LEU B 214 9.93 -25.06 18.09
C LEU B 214 10.79 -26.11 18.78
N PHE B 215 11.30 -27.07 18.02
CA PHE B 215 12.01 -28.19 18.65
C PHE B 215 13.35 -27.77 19.25
N THR B 216 13.96 -26.73 18.68
CA THR B 216 15.26 -26.24 19.14
C THR B 216 15.17 -25.36 20.38
N ALA B 217 13.95 -25.04 20.79
CA ALA B 217 13.72 -24.18 21.94
C ALA B 217 14.50 -24.65 23.17
N VAL B 218 15.45 -23.83 23.61
CA VAL B 218 16.22 -24.12 24.81
C VAL B 218 15.32 -24.13 26.04
N PRO B 219 15.42 -25.20 26.84
CA PRO B 219 14.70 -25.37 28.10
C PRO B 219 14.99 -24.27 29.10
N ALA B 220 13.97 -23.89 29.88
CA ALA B 220 14.04 -22.81 30.84
C ALA B 220 15.23 -22.92 31.80
N SER B 221 15.42 -24.10 32.39
CA SER B 221 16.51 -24.30 33.34
C SER B 221 17.83 -23.92 32.71
N LEU B 222 18.02 -24.30 31.46
CA LEU B 222 19.22 -23.96 30.70
C LEU B 222 19.32 -22.46 30.44
N VAL B 223 18.20 -21.85 30.07
CA VAL B 223 18.17 -20.41 29.84
C VAL B 223 18.58 -19.66 31.11
N LYS B 224 18.03 -20.11 32.25
CA LYS B 224 18.46 -19.57 33.53
C LYS B 224 19.98 -19.71 33.70
N SER B 225 20.46 -20.94 33.51
CA SER B 225 21.87 -21.26 33.69
C SER B 225 22.79 -20.50 32.72
N ARG B 226 22.41 -20.45 31.45
CA ARG B 226 23.22 -19.77 30.45
C ARG B 226 23.29 -18.28 30.75
N LEU B 227 22.15 -17.68 31.03
CA LEU B 227 22.08 -16.25 31.32
C LEU B 227 23.00 -15.85 32.46
N GLU B 228 22.88 -16.52 33.61
CA GLU B 228 23.78 -16.28 34.73
C GLU B 228 25.23 -16.29 34.28
N HIS B 229 25.56 -17.28 33.46
CA HIS B 229 26.91 -17.43 32.96
C HIS B 229 27.28 -16.27 32.03
N GLU B 230 26.35 -15.88 31.17
CA GLU B 230 26.60 -14.80 30.23
C GLU B 230 26.61 -13.46 30.94
N LEU B 231 25.59 -13.21 31.76
CA LEU B 231 25.50 -11.98 32.55
C LEU B 231 26.73 -11.78 33.43
N GLY B 232 27.06 -12.82 34.20
CA GLY B 232 28.15 -12.76 35.14
C GLY B 232 29.48 -12.49 34.46
N ARG B 233 29.67 -13.09 33.29
CA ARG B 233 30.89 -12.90 32.55
C ARG B 233 30.93 -11.46 32.03
N ILE B 234 29.79 -10.95 31.62
CA ILE B 234 29.71 -9.57 31.14
C ILE B 234 30.15 -8.60 32.22
N ARG B 235 29.70 -8.82 33.45
CA ARG B 235 30.14 -8.02 34.58
C ARG B 235 31.67 -8.06 34.67
N LYS B 236 32.23 -9.26 34.65
CA LYS B 236 33.67 -9.43 34.58
C LYS B 236 34.24 -8.75 33.34
N THR B 237 33.57 -8.94 32.20
CA THR B 237 33.98 -8.29 30.97
C THR B 237 33.89 -6.77 31.10
N ARG B 238 32.80 -6.30 31.70
CA ARG B 238 32.59 -4.86 31.89
C ARG B 238 33.45 -4.33 33.04
N GLN B 239 33.60 -5.13 34.09
CA GLN B 239 34.33 -4.70 35.28
C GLN B 239 35.79 -4.37 34.96
N LYS B 240 36.39 -5.12 34.04
CA LYS B 240 37.76 -4.86 33.62
C LYS B 240 37.86 -3.55 32.83
N GLY B 241 36.80 -3.23 32.09
CA GLY B 241 36.78 -2.06 31.22
C GLY B 241 37.06 -0.75 31.93
N GLY B 260 27.53 -1.02 36.66
CA GLY B 260 28.38 -1.42 37.78
C GLY B 260 28.39 -2.93 37.93
N TRP B 261 28.81 -3.40 39.10
CA TRP B 261 28.79 -4.83 39.38
C TRP B 261 27.37 -5.30 39.61
N LEU B 262 26.72 -5.78 38.56
CA LEU B 262 25.39 -6.34 38.70
C LEU B 262 25.41 -7.49 39.70
N GLY B 263 24.46 -7.50 40.62
CA GLY B 263 24.38 -8.56 41.61
C GLY B 263 25.22 -8.34 42.86
N ALA B 264 25.77 -9.44 43.40
CA ALA B 264 26.51 -9.41 44.65
C ALA B 264 27.76 -8.53 44.58
N VAL B 265 28.11 -7.94 45.71
CA VAL B 265 29.34 -7.16 45.83
C VAL B 265 30.56 -8.05 45.59
N GLY B 266 30.49 -9.27 46.11
CA GLY B 266 31.53 -10.26 45.87
C GLY B 266 30.90 -11.58 45.49
N SER B 267 30.96 -11.93 44.21
CA SER B 267 30.34 -13.15 43.74
C SER B 267 31.37 -14.11 43.15
N LYS B 268 31.42 -15.32 43.70
CA LYS B 268 32.23 -16.39 43.14
C LYS B 268 31.77 -16.63 41.71
N GLU B 269 30.45 -16.57 41.53
CA GLU B 269 29.81 -16.58 40.23
C GLU B 269 28.49 -15.86 40.41
N PHE B 270 27.93 -15.32 39.33
CA PHE B 270 26.67 -14.59 39.42
C PHE B 270 25.46 -15.50 39.24
N LYS B 271 24.58 -15.49 40.24
CA LYS B 271 23.32 -16.20 40.18
C LYS B 271 22.19 -15.19 40.17
N PHE B 272 21.03 -15.56 39.65
CA PHE B 272 19.85 -14.71 39.74
C PHE B 272 19.49 -14.46 41.21
N GLU B 273 19.81 -15.42 42.06
CA GLU B 273 19.48 -15.36 43.48
C GLU B 273 20.17 -14.19 44.17
N GLU B 274 21.31 -13.76 43.63
CA GLU B 274 22.00 -12.60 44.18
C GLU B 274 21.17 -11.34 44.04
N MET B 275 20.38 -11.27 42.97
CA MET B 275 19.55 -10.11 42.68
C MET B 275 18.47 -9.85 43.73
N MET B 276 18.16 -10.88 44.52
CA MET B 276 17.18 -10.74 45.60
C MET B 276 17.58 -9.60 46.55
N GLU B 277 18.87 -9.53 46.86
CA GLU B 277 19.45 -8.45 47.64
C GLU B 277 18.85 -7.10 47.32
N PHE B 278 18.54 -6.90 46.04
CA PHE B 278 18.01 -5.64 45.55
C PHE B 278 16.48 -5.70 45.43
N ASP B 279 15.88 -6.64 46.15
CA ASP B 279 14.43 -6.86 46.12
C ASP B 279 13.93 -7.20 44.73
N MET B 280 14.73 -7.95 43.98
CA MET B 280 14.35 -8.32 42.63
C MET B 280 14.09 -9.82 42.52
N GLU B 281 12.82 -10.19 42.46
CA GLU B 281 12.46 -11.58 42.20
C GLU B 281 12.71 -11.86 40.73
N VAL B 282 13.78 -12.59 40.43
CA VAL B 282 14.08 -12.94 39.05
C VAL B 282 13.70 -14.38 38.79
N GLU B 283 12.88 -14.58 37.77
CA GLU B 283 12.34 -15.90 37.47
C GLU B 283 12.51 -16.23 36.00
N VAL B 284 13.02 -17.43 35.72
CA VAL B 284 13.05 -17.90 34.34
C VAL B 284 11.90 -18.88 34.13
N MET B 285 11.01 -18.52 33.22
CA MET B 285 9.83 -19.31 32.93
C MET B 285 9.64 -19.39 31.44
N GLY B 286 9.24 -20.56 30.96
CA GLY B 286 9.06 -20.77 29.53
C GLY B 286 7.63 -20.58 29.07
N GLY B 287 7.41 -20.81 27.78
CA GLY B 287 6.09 -20.67 27.21
C GLY B 287 6.20 -20.48 25.72
N ASN B 288 5.06 -20.50 25.04
CA ASN B 288 5.04 -20.24 23.62
C ASN B 288 3.81 -19.42 23.28
N VAL B 289 3.97 -18.44 22.41
CA VAL B 289 2.84 -17.65 21.98
C VAL B 289 2.05 -18.46 20.97
N ILE B 290 2.78 -19.12 20.06
CA ILE B 290 2.16 -19.84 18.96
C ILE B 290 2.42 -21.35 19.03
N GLY B 291 1.62 -22.11 18.30
CA GLY B 291 1.80 -23.54 18.19
C GLY B 291 1.55 -24.28 19.49
N ASP B 292 1.81 -25.59 19.46
CA ASP B 292 1.59 -26.43 20.62
C ASP B 292 2.80 -26.41 21.53
N GLY B 293 2.56 -26.25 22.82
CA GLY B 293 3.63 -26.20 23.80
C GLY B 293 3.06 -25.84 25.16
N PRO B 294 3.89 -25.28 26.04
CA PRO B 294 3.45 -24.98 27.41
C PRO B 294 2.32 -23.97 27.47
N GLY B 295 2.20 -23.13 26.45
CA GLY B 295 1.20 -22.08 26.46
C GLY B 295 1.72 -20.82 27.15
N ALA B 296 0.88 -19.79 27.18
CA ALA B 296 1.27 -18.50 27.75
C ALA B 296 0.69 -18.29 29.13
N GLU B 297 -0.10 -19.25 29.60
CA GLU B 297 -0.78 -19.11 30.88
C GLU B 297 0.19 -19.05 32.05
N ARG B 298 1.27 -19.82 31.98
CA ARG B 298 2.26 -19.83 33.04
C ARG B 298 2.81 -18.42 33.25
N TRP B 299 3.14 -17.76 32.15
CA TRP B 299 3.49 -16.33 32.18
C TRP B 299 2.35 -15.53 32.78
N TRP B 300 1.18 -15.71 32.21
CA TRP B 300 -0.02 -14.99 32.63
C TRP B 300 -0.32 -15.16 34.11
N ARG B 301 -0.08 -16.38 34.61
CA ARG B 301 -0.27 -16.67 36.04
C ARG B 301 0.76 -15.90 36.86
N TRP B 302 1.95 -15.73 36.29
CA TRP B 302 3.01 -14.94 36.92
C TRP B 302 2.60 -13.47 37.03
N ILE B 303 2.00 -12.95 35.96
CA ILE B 303 1.62 -11.55 35.91
C ILE B 303 0.54 -11.18 36.92
N GLY B 304 -0.53 -11.97 36.96
CA GLY B 304 -1.65 -11.72 37.85
C GLY B 304 -1.24 -11.78 39.31
N GLU B 305 -0.31 -12.68 39.62
CA GLU B 305 0.17 -12.81 40.99
C GLU B 305 0.98 -11.59 41.41
N ARG B 306 1.23 -10.68 40.49
CA ARG B 306 2.18 -9.60 40.74
C ARG B 306 1.61 -8.19 40.65
N ILE B 307 0.34 -8.07 40.26
CA ILE B 307 -0.29 -6.75 40.27
C ILE B 307 -0.92 -6.48 41.64
N LEU C 11 -20.72 36.30 23.42
CA LEU C 11 -19.95 35.92 24.59
C LEU C 11 -19.14 34.65 24.31
N ASP C 12 -19.28 34.11 23.11
CA ASP C 12 -18.56 32.91 22.72
C ASP C 12 -17.64 33.20 21.54
N ALA C 13 -18.20 33.75 20.47
CA ALA C 13 -17.43 34.16 19.31
C ALA C 13 -18.07 35.39 18.65
N PHE C 14 -17.24 36.16 17.96
CA PHE C 14 -17.71 37.31 17.18
C PHE C 14 -16.98 37.33 15.84
N GLU C 15 -17.73 37.47 14.75
CA GLU C 15 -17.15 37.50 13.43
C GLU C 15 -17.58 38.70 12.59
N ILE C 16 -16.69 39.13 11.70
CA ILE C 16 -17.02 40.10 10.68
C ILE C 16 -16.73 39.49 9.31
N LEU C 17 -17.77 39.32 8.51
CA LEU C 17 -17.67 38.55 7.28
C LEU C 17 -18.03 39.39 6.07
N THR C 18 -17.65 38.90 4.90
CA THR C 18 -18.06 39.54 3.66
C THR C 18 -19.04 38.62 2.95
N THR C 19 -19.88 39.20 2.09
CA THR C 19 -20.75 38.40 1.23
C THR C 19 -19.87 37.39 0.48
N SER C 20 -18.69 37.85 0.06
CA SER C 20 -17.76 37.04 -0.70
C SER C 20 -17.34 35.76 0.02
N GLY C 21 -17.36 35.79 1.35
CA GLY C 21 -17.11 34.59 2.12
C GLY C 21 -15.93 34.64 3.07
N VAL C 22 -15.18 35.73 3.03
CA VAL C 22 -14.00 35.86 3.89
C VAL C 22 -14.31 36.64 5.15
N VAL C 23 -13.94 36.07 6.30
CA VAL C 23 -14.03 36.76 7.56
C VAL C 23 -12.97 37.85 7.61
N LEU C 24 -13.38 39.08 7.85
CA LEU C 24 -12.44 40.20 7.97
C LEU C 24 -11.88 40.28 9.37
N TRP C 25 -12.72 39.98 10.35
CA TRP C 25 -12.31 40.07 11.75
C TRP C 25 -13.01 39.02 12.62
N SER C 26 -12.35 38.66 13.71
CA SER C 26 -12.78 37.56 14.57
C SER C 26 -12.29 37.70 16.00
N ARG C 27 -13.03 37.13 16.94
CA ARG C 27 -12.62 37.11 18.34
C ARG C 27 -12.45 35.66 18.80
N THR C 28 -13.58 34.95 18.82
CA THR C 28 -13.63 33.51 19.03
C THR C 28 -12.68 32.98 20.12
N TYR C 29 -12.69 33.64 21.27
CA TYR C 29 -11.92 33.18 22.42
C TYR C 29 -12.52 31.92 23.06
N ALA C 30 -13.83 31.73 22.89
CA ALA C 30 -14.49 30.50 23.29
C ALA C 30 -14.80 29.68 22.04
N PRO C 31 -13.76 29.03 21.48
CA PRO C 31 -13.79 28.36 20.18
C PRO C 31 -15.09 27.61 19.89
N VAL C 32 -15.76 27.99 18.81
CA VAL C 32 -17.00 27.34 18.41
C VAL C 32 -16.81 26.71 17.03
N ASN C 33 -17.70 25.79 16.66
CA ASN C 33 -17.59 25.12 15.37
C ASN C 33 -17.89 26.05 14.19
N PRO C 34 -17.17 25.88 13.08
CA PRO C 34 -17.40 26.68 11.87
C PRO C 34 -18.80 26.48 11.30
N SER C 35 -19.46 25.40 11.70
CA SER C 35 -20.78 25.06 11.17
C SER C 35 -21.86 26.03 11.61
N VAL C 36 -21.61 26.73 12.71
CA VAL C 36 -22.60 27.66 13.26
C VAL C 36 -22.98 28.76 12.27
N VAL C 37 -21.98 29.46 11.73
CA VAL C 37 -22.25 30.61 10.89
C VAL C 37 -22.44 30.21 9.43
N ASN C 38 -21.57 29.32 8.95
CA ASN C 38 -21.64 28.84 7.57
C ASN C 38 -23.06 28.40 7.19
N ASP C 39 -23.76 27.77 8.13
CA ASP C 39 -25.18 27.47 7.98
C ASP C 39 -26.04 28.74 8.10
N PHE C 40 -25.63 29.61 9.02
CA PHE C 40 -26.35 30.85 9.32
C PHE C 40 -26.56 31.70 8.07
N ILE C 41 -25.51 31.83 7.26
CA ILE C 41 -25.61 32.58 6.02
C ILE C 41 -26.60 31.92 5.07
N THR C 42 -26.72 30.60 5.21
CA THR C 42 -27.60 29.81 4.35
C THR C 42 -29.07 30.00 4.71
N ASP C 43 -29.37 29.89 6.00
CA ASP C 43 -30.72 30.07 6.50
C ASP C 43 -31.28 31.44 6.13
N VAL C 44 -30.53 32.49 6.47
CA VAL C 44 -31.08 33.84 6.44
C VAL C 44 -30.59 34.72 5.31
N PHE C 45 -29.34 34.53 4.88
CA PHE C 45 -28.76 35.38 3.85
C PHE C 45 -28.96 34.84 2.43
N ILE C 46 -28.89 33.52 2.28
CA ILE C 46 -29.08 32.93 0.96
C ILE C 46 -30.51 33.20 0.53
N GLU C 47 -31.45 32.94 1.44
CA GLU C 47 -32.88 33.22 1.28
C GLU C 47 -33.62 32.78 2.53
N ASP C 70 -32.45 25.60 14.94
CA ASP C 70 -31.40 25.73 13.92
C ASP C 70 -29.99 25.77 14.54
N GLN C 71 -29.60 26.94 15.02
CA GLN C 71 -28.31 27.10 15.68
C GLN C 71 -28.49 28.17 16.73
N HIS C 72 -27.56 28.25 17.66
CA HIS C 72 -27.94 28.69 18.99
C HIS C 72 -27.79 30.16 19.43
N SER C 73 -27.37 31.08 18.57
CA SER C 73 -27.05 32.42 19.08
C SER C 73 -27.67 33.44 18.15
N LEU C 74 -26.82 34.02 17.31
CA LEU C 74 -27.20 34.40 15.95
C LEU C 74 -27.85 35.76 15.73
N ARG C 75 -27.46 36.77 16.50
CA ARG C 75 -27.90 38.12 16.17
C ARG C 75 -26.87 38.74 15.23
N TRP C 76 -27.34 39.56 14.30
CA TRP C 76 -26.53 39.95 13.17
C TRP C 76 -27.05 41.25 12.56
N THR C 77 -26.19 41.93 11.81
CA THR C 77 -26.61 43.08 11.02
C THR C 77 -25.90 43.06 9.68
N PHE C 78 -26.57 43.56 8.64
CA PHE C 78 -26.00 43.51 7.30
C PHE C 78 -25.82 44.89 6.68
N VAL C 79 -24.59 45.19 6.28
CA VAL C 79 -24.31 46.45 5.60
C VAL C 79 -24.47 46.25 4.09
N LYS C 80 -25.56 46.78 3.54
CA LYS C 80 -25.85 46.60 2.12
C LYS C 80 -24.73 47.12 1.23
N GLU C 81 -24.19 48.28 1.60
CA GLU C 81 -23.25 49.00 0.75
C GLU C 81 -21.91 48.28 0.61
N LEU C 82 -21.35 47.81 1.72
CA LEU C 82 -20.04 47.21 1.69
C LEU C 82 -20.07 45.69 1.68
N GLY C 83 -21.28 45.13 1.76
CA GLY C 83 -21.43 43.68 1.75
C GLY C 83 -20.80 43.01 2.97
N ILE C 84 -20.95 43.67 4.11
CA ILE C 84 -20.40 43.15 5.36
C ILE C 84 -21.49 42.56 6.24
N ILE C 85 -21.16 41.48 6.90
CA ILE C 85 -22.03 40.87 7.91
C ILE C 85 -21.33 40.88 9.25
N PHE C 86 -22.05 41.28 10.29
CA PHE C 86 -21.51 41.23 11.65
C PHE C 86 -22.26 40.16 12.42
N VAL C 87 -21.51 39.17 12.90
CA VAL C 87 -22.12 38.02 13.56
C VAL C 87 -21.58 37.86 14.99
N ALA C 88 -22.50 37.81 15.95
CA ALA C 88 -22.16 37.57 17.35
C ALA C 88 -22.91 36.36 17.89
N VAL C 89 -22.19 35.49 18.60
CA VAL C 89 -22.73 34.19 19.03
C VAL C 89 -22.50 33.93 20.52
N TYR C 90 -23.34 33.09 21.12
CA TYR C 90 -23.26 32.77 22.54
C TYR C 90 -24.01 31.49 22.92
N LEU C 96 -31.85 38.43 24.47
CA LEU C 96 -31.33 39.37 25.45
C LEU C 96 -30.71 40.59 24.75
N PRO C 97 -30.80 41.78 25.37
CA PRO C 97 -30.42 43.03 24.71
C PRO C 97 -28.91 43.33 24.67
N TRP C 98 -28.16 42.90 25.70
CA TRP C 98 -26.71 43.13 25.78
C TRP C 98 -26.01 42.96 24.44
N VAL C 99 -26.21 41.80 23.81
CA VAL C 99 -25.54 41.49 22.55
C VAL C 99 -26.02 42.39 21.44
N ASP C 100 -27.32 42.64 21.41
CA ASP C 100 -27.94 43.42 20.36
C ASP C 100 -27.30 44.79 20.23
N LYS C 101 -27.07 45.43 21.37
CA LYS C 101 -26.46 46.74 21.42
C LYS C 101 -25.07 46.70 20.81
N LEU C 102 -24.34 45.63 21.07
CA LEU C 102 -22.96 45.51 20.61
C LEU C 102 -22.83 45.43 19.09
N VAL C 103 -23.62 44.57 18.47
CA VAL C 103 -23.49 44.31 17.03
C VAL C 103 -23.81 45.52 16.16
N ASP C 104 -24.99 46.11 16.35
CA ASP C 104 -25.34 47.36 15.67
C ASP C 104 -24.25 48.39 15.89
N ASN C 105 -23.70 48.38 17.09
CA ASN C 105 -22.75 49.38 17.52
C ASN C 105 -21.37 49.24 16.89
N ILE C 106 -20.84 48.02 16.91
CA ILE C 106 -19.51 47.76 16.36
C ILE C 106 -19.48 47.87 14.84
N ARG C 107 -20.62 47.67 14.19
CA ARG C 107 -20.70 47.82 12.75
C ARG C 107 -20.33 49.23 12.35
N ALA C 108 -20.88 50.20 13.09
CA ALA C 108 -20.70 51.61 12.77
C ALA C 108 -19.24 52.03 12.94
N ILE C 109 -18.62 51.57 14.02
CA ILE C 109 -17.20 51.83 14.24
C ILE C 109 -16.37 51.24 13.11
N PHE C 110 -16.61 49.96 12.82
CA PHE C 110 -15.89 49.26 11.76
C PHE C 110 -16.17 49.84 10.38
N VAL C 111 -17.45 50.02 10.06
CA VAL C 111 -17.83 50.51 8.73
C VAL C 111 -17.24 51.89 8.46
N SER C 112 -17.25 52.74 9.49
CA SER C 112 -16.80 54.11 9.32
C SER C 112 -15.31 54.21 8.99
N LEU C 113 -14.45 53.59 9.81
CA LEU C 113 -13.01 53.74 9.58
C LEU C 113 -12.54 53.00 8.33
N TYR C 114 -13.22 51.91 7.99
CA TYR C 114 -12.71 51.02 6.95
C TYR C 114 -13.54 51.06 5.66
N SER C 115 -14.43 52.05 5.56
CA SER C 115 -15.29 52.17 4.39
C SER C 115 -14.49 52.39 3.10
N GLU C 116 -13.50 53.26 3.16
CA GLU C 116 -12.70 53.62 1.99
C GLU C 116 -11.82 52.46 1.53
N GLN C 117 -11.44 51.63 2.50
CA GLN C 117 -10.62 50.44 2.27
C GLN C 117 -11.25 49.50 1.24
N PHE C 118 -12.58 49.54 1.16
CA PHE C 118 -13.32 48.68 0.27
C PHE C 118 -13.30 49.15 -1.17
N LYS C 119 -12.46 50.13 -1.46
CA LYS C 119 -12.47 50.72 -2.80
C LYS C 119 -11.50 50.04 -3.75
N ARG C 120 -10.31 49.69 -3.27
CA ARG C 120 -9.36 48.92 -4.07
C ARG C 120 -10.14 47.78 -4.69
N PRO C 121 -10.16 47.71 -6.03
CA PRO C 121 -11.25 47.09 -6.78
C PRO C 121 -11.48 45.62 -6.44
N ASN C 122 -10.49 44.79 -6.68
CA ASN C 122 -10.67 43.36 -6.44
C ASN C 122 -9.58 42.75 -5.58
N THR C 123 -9.90 42.63 -4.30
CA THR C 123 -9.08 41.87 -3.37
C THR C 123 -9.98 41.31 -2.28
N THR C 124 -9.45 40.34 -1.53
CA THR C 124 -10.12 39.84 -0.35
C THR C 124 -9.59 40.63 0.83
N ILE C 125 -8.72 41.58 0.51
CA ILE C 125 -7.88 42.17 1.55
C ILE C 125 -8.32 43.57 1.94
N ILE C 126 -8.73 43.66 3.19
CA ILE C 126 -8.84 44.92 3.89
C ILE C 126 -8.20 44.62 5.23
N GLU C 127 -7.33 45.52 5.66
CA GLU C 127 -6.55 45.26 6.87
C GLU C 127 -7.00 46.26 7.93
N CYS C 128 -7.47 45.74 9.06
CA CYS C 128 -7.92 46.57 10.17
C CYS C 128 -6.91 46.44 11.31
N ILE C 129 -6.09 45.39 11.19
CA ILE C 129 -5.14 44.98 12.21
C ILE C 129 -5.82 45.16 13.56
N ASN C 130 -5.40 46.09 14.40
CA ASN C 130 -5.96 46.00 15.72
C ASN C 130 -7.24 46.78 15.92
N PHE C 131 -8.31 46.21 15.35
CA PHE C 131 -9.66 46.59 15.69
C PHE C 131 -9.96 46.28 17.16
N ASP C 132 -9.50 45.11 17.60
CA ASP C 132 -9.78 44.57 18.94
C ASP C 132 -9.77 45.59 20.08
N LYS C 133 -8.76 46.46 20.08
CA LYS C 133 -8.68 47.58 21.03
C LYS C 133 -9.97 48.37 21.04
N TYR C 134 -10.39 48.81 19.86
CA TYR C 134 -11.59 49.62 19.73
C TYR C 134 -12.81 48.75 20.01
N PHE C 135 -12.71 47.48 19.67
CA PHE C 135 -13.78 46.53 19.97
C PHE C 135 -13.89 46.24 21.46
N ASP C 136 -12.75 46.03 22.11
CA ASP C 136 -12.73 45.64 23.52
C ASP C 136 -13.34 46.69 24.44
N GLN C 137 -13.00 47.96 24.25
CA GLN C 137 -13.60 49.04 25.02
C GLN C 137 -15.11 48.93 24.93
N GLN C 138 -15.60 48.80 23.70
CA GLN C 138 -17.01 48.58 23.44
C GLN C 138 -17.53 47.33 24.13
N LEU C 139 -16.73 46.26 24.07
CA LEU C 139 -17.00 45.06 24.84
C LEU C 139 -16.89 45.39 26.32
N GLN C 140 -15.89 46.20 26.67
CA GLN C 140 -15.66 46.62 28.04
C GLN C 140 -16.83 47.41 28.60
N GLU C 141 -17.27 48.42 27.85
CA GLU C 141 -18.39 49.26 28.27
C GLU C 141 -19.61 48.41 28.62
N LEU C 142 -19.84 47.38 27.83
CA LEU C 142 -20.94 46.46 28.07
C LEU C 142 -20.49 45.30 28.95
N TYR D 7 -8.50 49.91 -22.19
CA TYR D 7 -9.12 49.18 -21.10
C TYR D 7 -8.86 47.68 -21.17
N THR D 8 -7.57 47.31 -21.14
CA THR D 8 -7.19 45.90 -21.24
C THR D 8 -8.05 45.00 -20.35
N THR D 9 -8.54 43.92 -20.93
CA THR D 9 -9.29 42.94 -20.17
C THR D 9 -8.37 41.75 -19.90
N LEU D 10 -8.14 41.46 -18.62
CA LEU D 10 -7.16 40.47 -18.22
C LEU D 10 -7.78 39.08 -18.16
N PRO D 11 -6.96 38.04 -18.42
CA PRO D 11 -7.45 36.67 -18.42
C PRO D 11 -7.95 36.27 -17.04
N SER D 12 -9.08 35.56 -17.00
CA SER D 12 -9.65 35.15 -15.72
C SER D 12 -9.65 33.64 -15.57
N VAL D 13 -9.50 33.18 -14.34
CA VAL D 13 -9.54 31.77 -14.04
C VAL D 13 -10.66 31.50 -13.03
N LEU D 14 -11.63 30.71 -13.43
CA LEU D 14 -12.75 30.35 -12.57
C LEU D 14 -12.50 29.09 -11.76
N LEU D 15 -12.39 29.23 -10.44
CA LEU D 15 -12.39 28.03 -9.61
C LEU D 15 -13.82 27.76 -9.15
N ILE D 16 -14.28 26.54 -9.41
CA ILE D 16 -15.64 26.15 -9.06
C ILE D 16 -15.65 24.85 -8.26
N GLY D 17 -16.64 24.71 -7.38
CA GLY D 17 -16.74 23.52 -6.56
C GLY D 17 -17.88 23.59 -5.57
N PRO D 18 -18.13 22.49 -4.86
CA PRO D 18 -19.12 22.49 -3.78
C PRO D 18 -18.63 23.28 -2.58
N SER D 19 -19.54 23.63 -1.68
CA SER D 19 -19.16 24.31 -0.45
C SER D 19 -18.22 23.44 0.39
N GLY D 20 -17.27 24.08 1.06
CA GLY D 20 -16.29 23.38 1.87
C GLY D 20 -15.07 22.99 1.06
N ALA D 21 -15.09 23.31 -0.23
CA ALA D 21 -14.01 22.93 -1.13
C ALA D 21 -12.73 23.71 -0.86
N GLY D 22 -12.89 24.91 -0.34
CA GLY D 22 -11.75 25.75 -0.02
C GLY D 22 -11.41 26.73 -1.13
N LYS D 23 -12.40 27.00 -1.98
CA LYS D 23 -12.22 27.93 -3.08
C LYS D 23 -11.88 29.34 -2.59
N THR D 24 -12.67 29.80 -1.63
CA THR D 24 -12.48 31.13 -1.04
C THR D 24 -11.22 31.18 -0.20
N ALA D 25 -10.86 30.04 0.39
CA ALA D 25 -9.67 29.96 1.23
C ALA D 25 -8.42 29.77 0.39
N LEU D 26 -8.54 29.04 -0.71
CA LEU D 26 -7.43 28.91 -1.65
C LEU D 26 -7.10 30.28 -2.21
N LEU D 27 -8.15 31.03 -2.56
CA LEU D 27 -8.01 32.37 -3.10
C LEU D 27 -7.22 33.27 -2.17
N THR D 28 -7.58 33.24 -0.89
CA THR D 28 -6.85 33.97 0.14
C THR D 28 -5.39 33.51 0.17
N LEU D 29 -5.19 32.19 0.20
CA LEU D 29 -3.84 31.63 0.20
C LEU D 29 -3.01 32.16 -0.96
N PHE D 30 -3.61 32.17 -2.14
CA PHE D 30 -2.92 32.66 -3.34
C PHE D 30 -2.58 34.14 -3.22
N GLU D 31 -3.50 34.93 -2.68
CA GLU D 31 -3.31 36.38 -2.64
C GLU D 31 -2.46 36.82 -1.45
N ARG D 32 -2.55 36.10 -0.35
CA ARG D 32 -1.85 36.50 0.87
C ARG D 32 -0.46 35.88 0.96
N GLY D 33 -0.14 35.00 0.02
CA GLY D 33 1.15 34.35 -0.02
C GLY D 33 2.32 35.30 -0.16
N PRO D 34 2.31 36.14 -1.20
CA PRO D 34 3.38 37.07 -1.56
C PRO D 34 3.82 37.97 -0.40
N LEU D 35 2.90 38.30 0.50
CA LEU D 35 3.24 39.21 1.59
C LEU D 35 3.32 38.47 2.93
N LEU D 36 4.29 37.58 3.03
CA LEU D 36 4.44 36.75 4.22
C LEU D 36 5.75 35.93 4.23
N ASN D 37 6.02 35.32 5.39
CA ASN D 37 7.18 34.47 5.62
C ASN D 37 7.36 34.30 7.13
N PRO D 38 8.17 33.33 7.56
CA PRO D 38 8.63 33.42 8.94
C PRO D 38 9.48 34.68 9.14
N ASP D 39 10.33 34.99 8.17
CA ASP D 39 11.13 36.22 8.18
C ASP D 39 10.34 37.38 7.59
N GLY D 40 9.85 37.18 6.38
CA GLY D 40 8.99 38.14 5.70
C GLY D 40 7.93 38.72 6.62
N THR D 41 7.07 37.86 7.16
CA THR D 41 6.00 38.26 8.07
C THR D 41 5.29 39.52 7.58
N SER D 42 4.94 39.53 6.30
CA SER D 42 4.41 40.69 5.60
C SER D 42 5.41 41.85 5.62
N LEU D 48 6.42 50.16 5.96
CA LEU D 48 7.81 49.81 5.69
C LEU D 48 8.28 50.58 4.46
N LYS D 49 7.55 50.45 3.35
CA LYS D 49 7.41 51.59 2.46
C LYS D 49 6.23 52.29 3.09
N ASN D 50 6.03 53.57 2.81
CA ASN D 50 4.97 54.26 3.52
C ASN D 50 3.73 54.51 2.67
N PRO D 51 3.85 55.31 1.59
CA PRO D 51 2.61 55.56 0.86
C PRO D 51 2.05 54.32 0.18
N TYR D 52 2.91 53.43 -0.30
CA TYR D 52 2.39 52.22 -0.93
C TYR D 52 3.11 50.95 -0.52
N ARG D 53 3.12 50.70 0.79
CA ARG D 53 3.58 49.44 1.33
C ARG D 53 2.55 48.35 1.07
N LYS D 54 2.98 47.10 1.06
CA LYS D 54 2.07 45.98 0.91
C LYS D 54 1.20 45.86 2.16
N PRO D 55 -0.07 45.48 1.98
CA PRO D 55 -0.96 45.36 3.13
C PRO D 55 -0.50 44.24 4.05
N ILE D 56 -0.80 44.33 5.35
CA ILE D 56 -0.29 43.33 6.27
C ILE D 56 -1.39 42.37 6.71
N VAL D 57 -1.13 41.08 6.54
CA VAL D 57 -2.04 40.04 6.99
C VAL D 57 -1.30 39.08 7.92
N THR D 58 -2.02 38.50 8.87
CA THR D 58 -1.39 37.69 9.91
C THR D 58 -1.21 36.22 9.54
N SER D 59 -1.96 35.74 8.55
CA SER D 59 -1.89 34.34 8.14
C SER D 59 -1.92 34.16 6.63
N PRO D 60 -1.27 33.09 6.13
CA PRO D 60 -1.18 32.77 4.70
C PRO D 60 -2.55 32.49 4.11
N VAL D 61 -3.47 32.09 4.99
CA VAL D 61 -4.88 31.95 4.64
C VAL D 61 -5.70 32.47 5.81
N ALA D 62 -6.89 32.98 5.52
CA ALA D 62 -7.75 33.53 6.56
C ALA D 62 -8.99 32.68 6.78
N GLN D 63 -9.61 32.84 7.95
CA GLN D 63 -10.89 32.23 8.24
C GLN D 63 -11.90 32.62 7.15
N THR D 64 -12.80 31.71 6.82
CA THR D 64 -13.80 32.00 5.79
C THR D 64 -15.09 31.24 6.02
N HIS D 65 -16.19 31.82 5.57
CA HIS D 65 -17.50 31.17 5.67
C HIS D 65 -18.18 31.14 4.32
N THR D 66 -19.41 30.63 4.27
CA THR D 66 -20.06 30.38 3.00
C THR D 66 -20.06 31.63 2.13
N SER D 67 -19.48 31.49 0.95
CA SER D 67 -19.46 32.56 -0.03
C SER D 67 -20.82 32.65 -0.72
N GLN D 68 -21.49 33.78 -0.55
CA GLN D 68 -22.75 34.04 -1.23
C GLN D 68 -22.57 34.83 -2.47
N VAL D 69 -21.36 35.29 -2.71
CA VAL D 69 -21.07 36.13 -3.85
C VAL D 69 -19.78 35.74 -4.54
N PRO D 70 -19.81 35.87 -5.94
CA PRO D 70 -18.52 35.63 -6.57
C PRO D 70 -17.51 36.64 -6.15
N THR D 71 -16.27 36.25 -5.97
CA THR D 71 -15.25 37.23 -5.61
C THR D 71 -14.14 37.19 -6.65
N SER D 72 -13.88 38.32 -7.28
CA SER D 72 -12.81 38.42 -8.27
C SER D 72 -11.57 39.03 -7.63
N VAL D 73 -10.41 38.42 -7.85
CA VAL D 73 -9.18 38.94 -7.27
C VAL D 73 -8.08 39.05 -8.31
N GLU D 74 -7.35 40.17 -8.28
CA GLU D 74 -6.26 40.38 -9.23
C GLU D 74 -4.95 39.84 -8.70
N LEU D 75 -4.40 38.85 -9.41
CA LEU D 75 -3.13 38.27 -9.03
C LEU D 75 -2.09 38.42 -10.14
N ALA D 76 -0.83 38.50 -9.73
CA ALA D 76 0.28 38.66 -10.65
C ALA D 76 1.24 37.49 -10.58
N VAL D 77 1.59 36.94 -11.74
CA VAL D 77 2.51 35.81 -11.82
C VAL D 77 3.78 36.17 -12.59
N GLY D 78 4.92 35.74 -12.07
CA GLY D 78 6.19 35.97 -12.74
C GLY D 78 6.66 34.69 -13.40
N ALA D 79 7.60 34.82 -14.33
CA ALA D 79 8.07 33.68 -15.10
C ALA D 79 9.57 33.71 -15.31
N ASN D 80 10.20 32.54 -15.19
CA ASN D 80 11.61 32.40 -15.54
C ASN D 80 11.91 31.00 -16.07
N GLU D 81 12.84 30.91 -17.02
CA GLU D 81 13.27 29.64 -17.60
C GLU D 81 12.13 28.70 -17.94
N PRO D 85 8.36 30.42 -13.95
CA PRO D 85 7.01 30.75 -13.45
C PRO D 85 6.95 30.77 -11.93
N THR D 86 7.10 31.97 -11.35
CA THR D 86 7.23 32.09 -9.90
C THR D 86 6.03 31.57 -9.14
N SER D 87 6.31 31.00 -7.98
CA SER D 87 5.28 30.57 -7.04
C SER D 87 4.39 31.75 -6.68
N TYR D 88 3.27 31.47 -6.03
CA TYR D 88 2.35 32.53 -5.67
C TYR D 88 2.94 33.46 -4.61
N LYS D 89 4.09 33.08 -4.05
CA LYS D 89 4.61 33.76 -2.86
C LYS D 89 5.62 34.88 -3.11
N VAL D 90 5.92 35.20 -4.37
CA VAL D 90 6.97 36.18 -4.63
C VAL D 90 6.45 37.57 -4.95
N ASP D 91 7.28 38.55 -4.63
CA ASP D 91 6.93 39.96 -4.65
C ASP D 91 7.07 40.59 -6.04
N LEU D 92 6.96 41.91 -6.10
CA LEU D 92 7.16 42.69 -7.31
C LEU D 92 6.88 44.16 -7.04
N THR D 98 9.19 38.16 -15.18
CA THR D 98 8.19 39.16 -15.58
C THR D 98 7.30 39.59 -14.43
N ALA D 99 6.18 40.19 -14.81
CA ALA D 99 5.00 40.27 -13.99
C ALA D 99 3.83 40.14 -14.96
N ARG D 100 2.95 39.19 -14.70
CA ARG D 100 1.78 39.01 -15.54
C ARG D 100 0.55 39.09 -14.65
N LYS D 101 -0.50 39.73 -15.16
CA LYS D 101 -1.69 39.94 -14.34
C LYS D 101 -2.86 39.12 -14.85
N PHE D 102 -3.58 38.49 -13.93
CA PHE D 102 -4.78 37.76 -14.26
C PHE D 102 -5.76 37.88 -13.10
N LEU D 103 -7.02 37.55 -13.36
CA LEU D 103 -8.04 37.55 -12.31
C LEU D 103 -8.46 36.14 -11.95
N LEU D 104 -8.46 35.81 -10.67
CA LEU D 104 -8.95 34.51 -10.26
C LEU D 104 -10.25 34.69 -9.54
N ILE D 105 -11.28 34.05 -10.00
CA ILE D 105 -12.59 34.38 -9.58
C ILE D 105 -13.23 33.30 -8.77
N ASP D 106 -13.42 33.54 -7.50
CA ASP D 106 -13.98 32.53 -6.63
C ASP D 106 -15.39 32.49 -7.06
N THR D 107 -16.09 31.50 -6.55
CA THR D 107 -17.50 31.28 -6.81
C THR D 107 -18.15 30.64 -5.59
N PRO D 108 -19.49 30.74 -5.50
CA PRO D 108 -20.18 30.09 -4.39
C PRO D 108 -20.43 28.61 -4.69
N GLY D 109 -20.45 27.78 -3.65
CA GLY D 109 -20.65 26.36 -3.84
C GLY D 109 -22.10 25.94 -3.72
N HIS D 110 -22.91 26.80 -3.09
CA HIS D 110 -24.30 26.48 -2.79
C HIS D 110 -25.15 26.23 -4.05
N PRO D 111 -26.02 25.20 -4.00
CA PRO D 111 -26.76 24.67 -5.16
C PRO D 111 -27.62 25.68 -5.92
N LYS D 112 -28.27 26.62 -5.24
CA LYS D 112 -29.15 27.54 -5.94
C LYS D 112 -28.35 28.63 -6.63
N LEU D 113 -27.15 28.87 -6.14
CA LEU D 113 -26.33 29.99 -6.59
C LEU D 113 -25.69 29.76 -7.95
N ARG D 114 -25.64 28.51 -8.40
CA ARG D 114 -24.87 28.16 -9.59
C ARG D 114 -25.33 28.86 -10.87
N GLY D 115 -26.64 29.00 -11.04
CA GLY D 115 -27.24 29.57 -12.23
C GLY D 115 -26.47 30.70 -12.91
N THR D 116 -25.92 31.59 -12.09
CA THR D 116 -25.12 32.71 -12.59
C THR D 116 -23.78 32.23 -13.15
N THR D 117 -23.09 31.39 -12.38
CA THR D 117 -21.84 30.79 -12.81
C THR D 117 -21.99 30.10 -14.15
N LEU D 118 -23.06 29.32 -14.29
CA LEU D 118 -23.34 28.59 -15.51
C LEU D 118 -23.58 29.52 -16.69
N GLN D 119 -24.14 30.69 -16.42
CA GLN D 119 -24.32 31.72 -17.43
C GLN D 119 -22.97 32.11 -18.02
N HIS D 120 -21.97 32.23 -17.15
CA HIS D 120 -20.64 32.64 -17.57
C HIS D 120 -20.01 31.61 -18.50
N LEU D 121 -20.18 30.33 -18.18
CA LEU D 121 -19.59 29.25 -18.97
C LEU D 121 -20.25 29.12 -20.34
N LEU D 122 -21.53 29.48 -20.41
CA LEU D 122 -22.28 29.30 -21.64
C LEU D 122 -21.84 30.27 -22.74
N ASN D 123 -21.50 31.49 -22.35
CA ASN D 123 -21.14 32.53 -23.32
C ASN D 123 -19.68 32.47 -23.78
N PRO D 124 -19.47 32.19 -25.07
CA PRO D 124 -18.14 32.17 -25.70
C PRO D 124 -17.59 33.58 -25.96
N SER D 125 -18.45 34.50 -26.38
CA SER D 125 -18.05 35.88 -26.65
C SER D 125 -17.61 36.58 -25.37
N PRO D 126 -16.39 37.17 -25.39
CA PRO D 126 -15.84 37.89 -24.23
C PRO D 126 -16.69 39.11 -23.87
N PRO D 148 -9.91 46.48 -15.34
CA PRO D 148 -10.63 46.03 -14.16
C PRO D 148 -11.87 45.22 -14.53
N TYR D 149 -12.13 45.07 -15.82
CA TYR D 149 -13.42 44.57 -16.29
C TYR D 149 -13.41 43.24 -17.06
N LYS D 150 -13.99 42.24 -16.41
CA LYS D 150 -14.54 41.06 -17.10
C LYS D 150 -13.58 40.12 -17.83
N SER D 151 -14.17 39.19 -18.58
CA SER D 151 -13.57 37.87 -18.81
C SER D 151 -12.91 37.61 -20.16
N LYS D 152 -11.58 37.63 -20.16
CA LYS D 152 -10.84 36.82 -21.12
C LYS D 152 -10.54 35.49 -20.44
N LEU D 153 -11.44 34.53 -20.60
CA LEU D 153 -11.35 33.28 -19.84
C LEU D 153 -10.32 32.32 -20.43
N LYS D 154 -9.24 32.11 -19.71
CA LYS D 154 -8.13 31.27 -20.19
C LYS D 154 -8.21 29.84 -19.64
N ALA D 155 -8.65 29.72 -18.39
CA ALA D 155 -8.63 28.43 -17.70
C ALA D 155 -9.73 28.35 -16.66
N VAL D 156 -10.10 27.12 -16.32
CA VAL D 156 -11.10 26.90 -15.28
C VAL D 156 -10.59 25.89 -14.27
N ILE D 157 -10.80 26.20 -12.99
CA ILE D 157 -10.41 25.32 -11.91
C ILE D 157 -11.62 24.76 -11.20
N PHE D 158 -11.60 23.45 -10.95
CA PHE D 158 -12.65 22.82 -10.18
C PHE D 158 -12.06 22.33 -8.86
N LEU D 159 -12.56 22.87 -7.75
CA LEU D 159 -12.04 22.49 -6.43
C LEU D 159 -13.01 21.62 -5.65
N LEU D 160 -12.54 20.47 -5.20
CA LEU D 160 -13.36 19.59 -4.37
C LEU D 160 -12.62 19.14 -3.13
N ASP D 161 -13.37 18.57 -2.19
CA ASP D 161 -12.81 18.05 -0.94
C ASP D 161 -12.44 16.58 -1.10
N ALA D 162 -11.14 16.30 -1.07
CA ALA D 162 -10.64 14.94 -1.20
C ALA D 162 -10.80 14.15 0.10
N ALA D 163 -11.18 14.82 1.17
CA ALA D 163 -11.46 14.13 2.42
C ALA D 163 -12.96 13.87 2.53
N ALA D 164 -13.71 14.60 1.71
CA ALA D 164 -15.17 14.57 1.77
C ALA D 164 -15.72 13.30 1.11
N LEU D 165 -15.04 12.84 0.08
CA LEU D 165 -15.44 11.62 -0.61
C LEU D 165 -15.25 10.40 0.30
N ALA D 166 -14.40 10.57 1.32
CA ALA D 166 -13.93 9.47 2.16
C ALA D 166 -15.03 8.83 3.01
N ASP D 167 -15.89 9.65 3.63
CA ASP D 167 -17.03 9.12 4.35
C ASP D 167 -17.76 8.17 3.40
N SER D 168 -17.78 6.89 3.76
CA SER D 168 -18.26 5.82 2.88
C SER D 168 -19.68 6.08 2.38
N ASP D 169 -20.45 6.82 3.17
CA ASP D 169 -21.79 7.26 2.80
C ASP D 169 -21.76 7.94 1.44
N GLY D 170 -20.71 8.73 1.22
CA GLY D 170 -20.40 9.31 -0.08
C GLY D 170 -21.53 10.00 -0.82
N ASP D 171 -22.30 10.82 -0.12
CA ASP D 171 -23.33 11.63 -0.75
C ASP D 171 -22.66 12.77 -1.51
N TYR D 172 -21.49 13.17 -1.01
CA TYR D 172 -20.70 14.24 -1.59
C TYR D 172 -20.35 13.97 -3.06
N LEU D 173 -19.91 12.76 -3.35
CA LEU D 173 -19.46 12.42 -4.70
C LEU D 173 -20.56 12.57 -5.74
N SER D 174 -21.75 12.08 -5.43
CA SER D 174 -22.88 12.19 -6.35
C SER D 174 -23.30 13.66 -6.53
N GLN D 175 -23.44 14.37 -5.42
CA GLN D 175 -23.78 15.79 -5.46
C GLN D 175 -22.74 16.58 -6.25
N THR D 176 -21.47 16.29 -6.00
CA THR D 176 -20.38 16.90 -6.76
C THR D 176 -20.44 16.52 -8.23
N ALA D 177 -20.74 15.25 -8.49
CA ALA D 177 -20.80 14.71 -9.84
C ALA D 177 -21.63 15.60 -10.75
N SER D 178 -22.77 16.06 -10.24
CA SER D 178 -23.64 16.96 -11.00
C SER D 178 -22.90 18.23 -11.38
N TYR D 179 -22.29 18.89 -10.39
CA TYR D 179 -21.60 20.14 -10.67
C TYR D 179 -20.52 19.94 -11.72
N LEU D 180 -19.69 18.92 -11.52
CA LEU D 180 -18.77 18.52 -12.56
C LEU D 180 -19.52 18.23 -13.83
N TYR D 181 -20.60 17.47 -13.69
CA TYR D 181 -21.41 17.09 -14.83
C TYR D 181 -21.97 18.31 -15.53
N ASP D 182 -22.50 19.24 -14.73
CA ASP D 182 -23.09 20.45 -15.26
C ASP D 182 -22.01 21.33 -15.88
N VAL D 183 -20.92 21.54 -15.14
CA VAL D 183 -19.81 22.32 -15.67
C VAL D 183 -19.40 21.77 -17.01
N LEU D 184 -18.87 20.55 -17.03
CA LEU D 184 -18.41 19.90 -18.24
C LEU D 184 -19.46 19.84 -19.35
N LEU D 185 -20.70 19.52 -18.99
CA LEU D 185 -21.79 19.55 -19.97
C LEU D 185 -21.96 20.96 -20.52
N SER D 186 -21.93 21.96 -19.63
CA SER D 186 -21.91 23.37 -20.04
C SER D 186 -20.53 23.77 -20.58
N LEU D 187 -19.50 23.25 -19.92
CA LEU D 187 -18.12 23.39 -20.35
C LEU D 187 -17.93 22.83 -21.76
N GLN D 188 -18.70 21.79 -22.07
CA GLN D 188 -18.64 21.11 -23.36
C GLN D 188 -19.31 21.91 -24.47
N LYS D 189 -20.57 22.30 -24.24
CA LYS D 189 -21.37 23.01 -25.24
C LYS D 189 -20.71 24.30 -25.69
N ARG D 190 -19.88 24.87 -24.82
CA ARG D 190 -19.26 26.17 -25.06
C ARG D 190 -18.52 26.22 -26.39
N PHE D 191 -17.86 25.12 -26.73
CA PHE D 191 -17.23 24.97 -28.02
C PHE D 191 -18.29 24.92 -29.12
N HIS D 192 -19.42 24.30 -28.79
CA HIS D 192 -20.53 24.09 -29.72
C HIS D 192 -20.19 22.99 -30.73
N SER D 201 -10.78 29.27 -28.76
CA SER D 201 -11.96 28.58 -28.30
C SER D 201 -11.59 27.44 -27.36
N SER D 202 -10.30 27.28 -27.12
CA SER D 202 -9.79 26.23 -26.24
C SER D 202 -9.50 26.77 -24.85
N ILE D 203 -10.15 26.18 -23.84
CA ILE D 203 -9.81 26.44 -22.45
C ILE D 203 -9.69 25.13 -21.69
N PRO D 204 -8.49 24.85 -21.18
CA PRO D 204 -8.18 23.66 -20.38
C PRO D 204 -8.81 23.76 -19.00
N VAL D 205 -8.82 22.66 -18.26
CA VAL D 205 -9.61 22.59 -17.05
C VAL D 205 -8.92 21.87 -15.90
N LEU D 206 -9.14 22.37 -14.69
CA LEU D 206 -8.57 21.79 -13.49
C LEU D 206 -9.60 21.18 -12.56
N ILE D 207 -9.31 19.98 -12.11
CA ILE D 207 -9.97 19.43 -10.94
C ILE D 207 -8.94 19.26 -9.85
N ALA D 208 -9.06 20.08 -8.80
CA ALA D 208 -8.14 20.06 -7.67
C ALA D 208 -8.75 19.41 -6.45
N ALA D 209 -8.18 18.28 -6.02
CA ALA D 209 -8.58 17.65 -4.77
C ALA D 209 -7.89 18.35 -3.60
N ASN D 210 -8.64 19.18 -2.88
CA ASN D 210 -8.10 19.92 -1.75
C ASN D 210 -7.98 19.08 -0.48
N LYS D 211 -7.49 19.71 0.58
CA LYS D 211 -7.46 19.11 1.90
C LYS D 211 -6.61 17.83 1.98
N GLN D 212 -5.46 17.84 1.31
CA GLN D 212 -4.57 16.69 1.33
C GLN D 212 -3.73 16.65 2.60
N ASP D 213 -3.86 17.69 3.42
CA ASP D 213 -3.27 17.69 4.75
C ASP D 213 -4.07 16.73 5.62
N LEU D 214 -5.34 16.57 5.27
CA LEU D 214 -6.19 15.59 5.91
C LEU D 214 -5.70 14.19 5.61
N PHE D 215 -5.56 13.39 6.66
CA PHE D 215 -5.09 12.02 6.53
C PHE D 215 -6.07 11.21 5.67
N THR D 216 -7.34 11.58 5.77
CA THR D 216 -8.41 10.89 5.06
C THR D 216 -8.51 11.33 3.60
N ALA D 217 -7.72 12.33 3.23
CA ALA D 217 -7.74 12.88 1.88
C ALA D 217 -7.59 11.82 0.79
N VAL D 218 -8.61 11.71 -0.05
CA VAL D 218 -8.55 10.85 -1.24
C VAL D 218 -7.54 11.42 -2.23
N PRO D 219 -6.65 10.55 -2.74
CA PRO D 219 -5.56 10.85 -3.68
C PRO D 219 -6.04 11.05 -5.14
N ALA D 220 -5.49 12.08 -5.80
CA ALA D 220 -5.84 12.51 -7.15
C ALA D 220 -6.25 11.43 -8.16
N SER D 221 -5.41 10.43 -8.35
CA SER D 221 -5.67 9.38 -9.34
C SER D 221 -6.93 8.57 -9.04
N LEU D 222 -7.07 8.10 -7.81
CA LEU D 222 -8.29 7.43 -7.39
C LEU D 222 -9.50 8.37 -7.53
N VAL D 223 -9.32 9.62 -7.13
CA VAL D 223 -10.40 10.59 -7.25
C VAL D 223 -10.81 10.73 -8.73
N LYS D 224 -9.85 10.96 -9.62
CA LYS D 224 -10.15 11.01 -11.04
C LYS D 224 -11.03 9.81 -11.46
N SER D 225 -10.60 8.61 -11.07
CA SER D 225 -11.35 7.37 -11.34
C SER D 225 -12.79 7.38 -10.81
N ARG D 226 -12.96 7.81 -9.56
CA ARG D 226 -14.29 7.95 -8.97
C ARG D 226 -15.16 8.90 -9.76
N LEU D 227 -14.58 10.05 -10.06
CA LEU D 227 -15.22 11.09 -10.86
C LEU D 227 -15.75 10.54 -12.17
N GLU D 228 -14.88 9.87 -12.93
CA GLU D 228 -15.28 9.26 -14.20
C GLU D 228 -16.31 8.14 -14.04
N HIS D 229 -16.18 7.32 -13.00
CA HIS D 229 -17.22 6.33 -12.71
C HIS D 229 -18.56 7.03 -12.65
N GLU D 230 -18.67 8.04 -11.78
CA GLU D 230 -19.93 8.73 -11.52
C GLU D 230 -20.41 9.49 -12.75
N LEU D 231 -19.46 9.93 -13.56
CA LEU D 231 -19.76 10.53 -14.86
C LEU D 231 -20.57 9.57 -15.66
N GLY D 232 -20.18 8.31 -15.73
CA GLY D 232 -21.00 7.35 -16.45
C GLY D 232 -22.41 7.29 -15.87
N ARG D 233 -22.48 7.08 -14.56
CA ARG D 233 -23.73 6.98 -13.81
C ARG D 233 -24.69 8.15 -14.07
N ILE D 234 -24.19 9.38 -13.97
CA ILE D 234 -25.03 10.55 -14.17
C ILE D 234 -25.59 10.62 -15.59
N ARG D 235 -24.73 10.32 -16.59
CA ARG D 235 -25.20 10.21 -17.98
C ARG D 235 -26.42 9.31 -18.09
N LYS D 236 -26.35 8.14 -17.45
CA LYS D 236 -27.48 7.22 -17.40
C LYS D 236 -28.71 7.89 -16.81
N THR D 237 -28.55 8.47 -15.63
CA THR D 237 -29.63 9.19 -14.94
C THR D 237 -30.02 10.47 -15.67
N ARG D 238 -29.04 11.30 -15.99
CA ARG D 238 -29.30 12.58 -16.66
C ARG D 238 -29.89 12.43 -18.05
N GLN D 239 -29.28 11.60 -18.89
CA GLN D 239 -29.85 11.32 -20.20
C GLN D 239 -31.31 10.95 -20.07
N LYS D 240 -31.63 10.15 -19.05
CA LYS D 240 -33.00 9.68 -18.87
C LYS D 240 -33.63 10.24 -17.60
N PHE D 270 -17.67 6.00 -19.76
CA PHE D 270 -16.40 6.45 -20.41
C PHE D 270 -15.30 7.06 -19.49
N LYS D 271 -14.54 7.99 -20.05
CA LYS D 271 -13.52 8.62 -19.24
C LYS D 271 -13.36 10.14 -19.41
N PHE D 272 -12.77 10.76 -18.39
CA PHE D 272 -12.32 12.14 -18.45
C PHE D 272 -11.54 12.36 -19.72
N GLU D 273 -10.51 11.54 -19.88
CA GLU D 273 -9.47 11.72 -20.90
C GLU D 273 -10.02 11.84 -22.31
N GLU D 274 -11.25 11.36 -22.52
CA GLU D 274 -11.91 11.51 -23.81
C GLU D 274 -12.08 13.00 -24.13
N MET D 275 -12.48 13.77 -23.13
CA MET D 275 -12.73 15.21 -23.30
C MET D 275 -11.50 15.97 -23.80
N MET D 276 -10.33 15.67 -23.23
CA MET D 276 -9.07 16.30 -23.64
C MET D 276 -8.98 16.38 -25.17
N GLU D 277 -9.35 15.30 -25.84
CA GLU D 277 -9.44 15.27 -27.30
C GLU D 277 -10.47 16.28 -27.81
N PHE D 278 -11.31 16.80 -26.91
CA PHE D 278 -12.39 17.70 -27.27
C PHE D 278 -12.02 19.16 -27.02
N ASP D 279 -10.72 19.43 -26.95
CA ASP D 279 -10.16 20.78 -26.93
C ASP D 279 -10.14 21.47 -25.56
N MET D 280 -10.24 20.68 -24.50
CA MET D 280 -9.96 21.20 -23.17
C MET D 280 -9.01 20.25 -22.46
N GLU D 281 -7.81 20.74 -22.14
CA GLU D 281 -6.87 19.95 -21.37
C GLU D 281 -7.40 19.77 -19.96
N VAL D 282 -7.77 18.54 -19.63
CA VAL D 282 -8.35 18.22 -18.34
C VAL D 282 -7.34 17.50 -17.47
N GLU D 283 -7.09 18.02 -16.27
CA GLU D 283 -6.08 17.45 -15.40
C GLU D 283 -6.51 17.45 -13.94
N VAL D 284 -6.04 16.45 -13.19
CA VAL D 284 -6.27 16.39 -11.76
C VAL D 284 -4.95 16.44 -11.02
N MET D 285 -4.87 17.36 -10.07
CA MET D 285 -3.76 17.41 -9.13
C MET D 285 -4.32 17.80 -7.77
N GLY D 286 -3.68 17.31 -6.71
CA GLY D 286 -4.16 17.61 -5.37
C GLY D 286 -3.30 18.65 -4.68
N GLY D 287 -3.68 18.98 -3.45
CA GLY D 287 -2.94 19.94 -2.66
C GLY D 287 -3.76 20.35 -1.46
N ASN D 288 -3.17 21.13 -0.56
CA ASN D 288 -3.88 21.60 0.60
C ASN D 288 -3.65 23.07 0.84
N VAL D 289 -4.71 23.77 1.22
CA VAL D 289 -4.59 25.19 1.53
C VAL D 289 -4.05 25.39 2.94
N ILE D 290 -4.51 24.54 3.85
CA ILE D 290 -4.12 24.65 5.26
C ILE D 290 -3.26 23.50 5.74
N GLY D 291 -2.48 23.75 6.80
CA GLY D 291 -1.68 22.74 7.44
C GLY D 291 -0.53 22.25 6.60
N ASP D 292 0.11 21.17 7.05
CA ASP D 292 1.23 20.58 6.34
C ASP D 292 0.71 19.58 5.32
N GLY D 293 1.30 19.61 4.13
CA GLY D 293 0.89 18.73 3.05
C GLY D 293 1.58 19.09 1.74
N PRO D 294 0.99 18.68 0.61
CA PRO D 294 1.56 18.90 -0.72
C PRO D 294 1.76 20.38 -1.06
N GLY D 295 0.91 21.25 -0.53
CA GLY D 295 0.98 22.66 -0.82
C GLY D 295 0.17 23.02 -2.06
N ALA D 296 0.10 24.32 -2.36
CA ALA D 296 -0.69 24.79 -3.50
C ALA D 296 0.19 25.16 -4.69
N GLU D 297 1.51 24.98 -4.53
CA GLU D 297 2.45 25.27 -5.59
C GLU D 297 2.08 24.58 -6.89
N ARG D 298 1.65 23.34 -6.77
CA ARG D 298 1.31 22.51 -7.92
C ARG D 298 0.21 23.13 -8.78
N TRP D 299 -0.90 23.51 -8.13
CA TRP D 299 -2.00 24.17 -8.84
C TRP D 299 -1.53 25.47 -9.45
N TRP D 300 -1.03 26.35 -8.59
CA TRP D 300 -0.59 27.68 -8.99
C TRP D 300 0.41 27.64 -10.13
N ARG D 301 1.31 26.67 -10.11
CA ARG D 301 2.24 26.50 -11.22
C ARG D 301 1.48 26.21 -12.51
N TRP D 302 0.38 25.47 -12.39
CA TRP D 302 -0.34 25.01 -13.57
C TRP D 302 -1.18 26.11 -14.20
N ILE D 303 -1.81 26.94 -13.36
CA ILE D 303 -2.58 28.05 -13.89
C ILE D 303 -1.67 28.98 -14.69
N GLY D 304 -0.46 29.18 -14.18
CA GLY D 304 0.54 29.96 -14.91
C GLY D 304 0.75 29.37 -16.28
N GLU D 305 0.69 28.04 -16.35
CA GLU D 305 0.84 27.33 -17.61
C GLU D 305 -0.27 27.71 -18.59
N ARG D 306 -1.35 28.29 -18.10
CA ARG D 306 -2.52 28.49 -18.94
C ARG D 306 -2.93 29.95 -19.14
N ILE D 307 -2.56 30.85 -18.23
CA ILE D 307 -2.81 32.26 -18.49
C ILE D 307 -1.68 32.82 -19.34
N MET E 9 14.14 -3.88 -30.43
CA MET E 9 15.07 -2.97 -31.08
C MET E 9 15.99 -3.70 -32.05
N SER E 10 17.15 -4.13 -31.56
CA SER E 10 18.14 -4.80 -32.39
C SER E 10 18.01 -6.31 -32.29
N LEU E 11 16.93 -6.78 -31.67
CA LEU E 11 16.75 -8.20 -31.42
C LEU E 11 15.77 -8.84 -32.41
N ASP E 12 16.14 -10.02 -32.91
CA ASP E 12 15.33 -10.73 -33.88
C ASP E 12 14.13 -11.40 -33.23
N ALA E 13 14.40 -12.36 -32.35
CA ALA E 13 13.35 -13.12 -31.70
C ALA E 13 13.73 -13.55 -30.30
N PHE E 14 12.72 -13.85 -29.49
CA PHE E 14 12.92 -14.46 -28.17
C PHE E 14 11.89 -15.57 -28.04
N GLU E 15 12.35 -16.74 -27.60
CA GLU E 15 11.46 -17.85 -27.36
C GLU E 15 11.69 -18.42 -25.97
N ILE E 16 10.62 -18.87 -25.34
CA ILE E 16 10.73 -19.58 -24.06
C ILE E 16 10.31 -21.02 -24.28
N LEU E 17 11.23 -21.93 -23.99
CA LEU E 17 11.08 -23.29 -24.48
C LEU E 17 11.09 -24.34 -23.38
N THR E 18 10.55 -25.50 -23.70
CA THR E 18 10.45 -26.60 -22.77
C THR E 18 11.40 -27.71 -23.21
N THR E 19 11.84 -28.52 -22.26
CA THR E 19 12.63 -29.71 -22.61
C THR E 19 11.86 -30.58 -23.61
N SER E 20 10.55 -30.65 -23.45
CA SER E 20 9.70 -31.43 -24.36
C SER E 20 9.89 -31.04 -25.83
N GLY E 21 10.12 -29.75 -26.06
CA GLY E 21 10.28 -29.24 -27.41
C GLY E 21 9.20 -28.24 -27.79
N VAL E 22 8.31 -27.95 -26.86
CA VAL E 22 7.23 -27.01 -27.10
C VAL E 22 7.59 -25.60 -26.62
N VAL E 23 7.31 -24.62 -27.48
CA VAL E 23 7.51 -23.23 -27.11
C VAL E 23 6.44 -22.78 -26.12
N LEU E 24 6.85 -22.22 -25.00
CA LEU E 24 5.91 -21.68 -24.03
C LEU E 24 5.56 -20.24 -24.35
N TRP E 25 6.53 -19.51 -24.89
CA TRP E 25 6.37 -18.09 -25.16
C TRP E 25 7.25 -17.63 -26.33
N SER E 26 6.84 -16.55 -27.00
CA SER E 26 7.55 -16.11 -28.19
C SER E 26 7.43 -14.62 -28.49
N ARG E 27 8.44 -14.09 -29.17
CA ARG E 27 8.37 -12.77 -29.77
C ARG E 27 8.91 -12.80 -31.21
N THR E 28 8.19 -12.12 -32.11
CA THR E 28 8.58 -11.98 -33.51
C THR E 28 8.98 -13.30 -34.17
N PRO E 31 11.77 -11.61 -36.42
CA PRO E 31 11.20 -12.72 -37.19
C PRO E 31 12.27 -13.60 -37.86
N VAL E 32 12.48 -14.77 -37.29
CA VAL E 32 13.47 -15.72 -37.78
C VAL E 32 12.84 -17.10 -37.97
N ASN E 33 13.40 -17.90 -38.88
CA ASN E 33 12.88 -19.23 -39.13
C ASN E 33 13.37 -20.26 -38.11
N PRO E 34 12.57 -21.32 -37.90
CA PRO E 34 12.65 -22.30 -36.83
C PRO E 34 13.97 -23.06 -36.73
N SER E 35 14.58 -23.42 -37.86
CA SER E 35 15.80 -24.23 -37.85
C SER E 35 16.92 -23.57 -37.04
N VAL E 36 16.97 -22.24 -37.05
CA VAL E 36 17.98 -21.52 -36.26
C VAL E 36 17.95 -21.97 -34.80
N VAL E 37 16.75 -22.07 -34.24
CA VAL E 37 16.57 -22.61 -32.89
C VAL E 37 16.56 -24.14 -32.95
N ASN E 38 15.85 -24.65 -33.95
CA ASN E 38 15.82 -26.09 -34.22
C ASN E 38 17.21 -26.68 -34.39
N ASP E 39 18.04 -26.03 -35.20
CA ASP E 39 19.43 -26.45 -35.34
C ASP E 39 20.15 -26.26 -34.02
N PHE E 40 20.02 -25.07 -33.42
CA PHE E 40 20.68 -24.74 -32.16
C PHE E 40 20.36 -25.71 -31.01
N ILE E 41 19.08 -26.00 -30.80
CA ILE E 41 18.70 -26.91 -29.73
C ILE E 41 19.45 -28.25 -29.85
N THR E 42 19.79 -28.62 -31.08
CA THR E 42 20.47 -29.88 -31.35
C THR E 42 21.91 -29.87 -30.85
N ASP E 43 22.73 -28.93 -31.31
CA ASP E 43 24.16 -28.98 -30.98
C ASP E 43 24.43 -28.81 -29.48
N VAL E 44 23.69 -27.91 -28.83
CA VAL E 44 23.97 -27.59 -27.44
C VAL E 44 23.35 -28.59 -26.45
N PHE E 45 22.16 -29.09 -26.77
CA PHE E 45 21.47 -29.99 -25.84
C PHE E 45 21.59 -31.45 -26.22
N ILE E 46 21.38 -31.79 -27.49
CA ILE E 46 21.52 -33.17 -27.93
C ILE E 46 22.95 -33.50 -28.32
N GLU E 47 23.56 -32.62 -29.11
CA GLU E 47 24.93 -32.80 -29.59
C GLU E 47 25.93 -32.69 -28.43
N GLY E 54 24.72 -20.74 -14.31
CA GLY E 54 25.28 -19.68 -15.13
C GLY E 54 24.22 -18.95 -15.94
N SER E 55 24.53 -17.72 -16.32
CA SER E 55 23.62 -16.91 -17.13
C SER E 55 24.30 -16.50 -18.42
N LYS E 56 25.60 -16.25 -18.33
CA LYS E 56 26.45 -16.00 -19.49
C LYS E 56 27.18 -17.29 -19.82
N ASN E 57 27.13 -17.71 -21.09
CA ASN E 57 27.58 -19.05 -21.46
C ASN E 57 28.43 -19.16 -22.72
N GLY E 58 28.81 -20.41 -23.01
CA GLY E 58 29.52 -20.73 -24.24
C GLY E 58 28.67 -20.39 -25.44
N GLY E 59 29.24 -20.58 -26.63
CA GLY E 59 28.58 -20.15 -27.85
C GLY E 59 28.85 -18.67 -28.09
N LEU E 74 24.04 -17.42 -29.79
CA LEU E 74 23.07 -16.46 -29.28
C LEU E 74 22.60 -16.86 -27.88
N ARG E 75 22.36 -15.86 -27.04
CA ARG E 75 22.22 -16.04 -25.60
C ARG E 75 21.08 -16.95 -25.14
N TRP E 76 21.37 -17.75 -24.12
CA TRP E 76 20.38 -18.66 -23.54
C TRP E 76 20.63 -18.91 -22.05
N THR E 77 19.57 -19.33 -21.35
CA THR E 77 19.68 -19.79 -19.97
C THR E 77 18.70 -20.93 -19.73
N PHE E 78 19.03 -21.78 -18.76
CA PHE E 78 18.33 -23.05 -18.54
C PHE E 78 17.99 -23.24 -17.07
N VAL E 79 16.70 -23.45 -16.77
CA VAL E 79 16.29 -23.76 -15.41
C VAL E 79 16.13 -25.27 -15.25
N LYS E 80 16.99 -25.86 -14.42
CA LYS E 80 17.13 -27.31 -14.37
C LYS E 80 15.88 -28.02 -13.86
N GLU E 81 15.32 -27.56 -12.75
CA GLU E 81 14.18 -28.25 -12.16
C GLU E 81 12.92 -28.11 -13.02
N LEU E 82 12.66 -26.91 -13.51
CA LEU E 82 11.44 -26.65 -14.27
C LEU E 82 11.61 -26.94 -15.76
N GLY E 83 12.85 -27.19 -16.18
CA GLY E 83 13.13 -27.63 -17.53
C GLY E 83 12.76 -26.66 -18.64
N ILE E 84 12.95 -25.37 -18.38
CA ILE E 84 12.71 -24.36 -19.39
C ILE E 84 13.99 -23.68 -19.84
N ILE E 85 14.06 -23.40 -21.13
CA ILE E 85 15.19 -22.75 -21.74
C ILE E 85 14.76 -21.41 -22.31
N PHE E 86 15.57 -20.39 -22.07
CA PHE E 86 15.31 -19.07 -22.60
C PHE E 86 16.37 -18.75 -23.65
N VAL E 87 15.95 -18.49 -24.87
CA VAL E 87 16.88 -18.17 -25.94
C VAL E 87 16.56 -16.83 -26.57
N ALA E 88 17.55 -15.96 -26.64
CA ALA E 88 17.39 -14.63 -27.20
C ALA E 88 18.17 -14.49 -28.50
N VAL E 89 17.46 -14.20 -29.58
CA VAL E 89 18.09 -14.12 -30.90
C VAL E 89 18.10 -12.70 -31.46
N LEU E 94 28.10 -7.69 -33.58
CA LEU E 94 26.96 -7.46 -32.69
C LEU E 94 26.78 -8.62 -31.71
N HIS E 95 27.72 -8.74 -30.79
CA HIS E 95 27.75 -9.83 -29.82
C HIS E 95 27.40 -9.26 -28.45
N LEU E 96 26.57 -8.24 -28.46
CA LEU E 96 26.34 -7.38 -27.30
C LEU E 96 25.65 -8.12 -26.16
N PRO E 97 25.85 -7.63 -24.93
CA PRO E 97 25.43 -8.31 -23.70
C PRO E 97 24.07 -7.91 -23.13
N TRP E 98 23.51 -6.77 -23.54
CA TRP E 98 22.23 -6.33 -22.97
C TRP E 98 21.18 -7.41 -23.17
N VAL E 99 21.29 -8.12 -24.29
CA VAL E 99 20.47 -9.30 -24.56
C VAL E 99 20.77 -10.36 -23.52
N ASP E 100 22.05 -10.49 -23.19
CA ASP E 100 22.48 -11.43 -22.17
C ASP E 100 21.84 -11.09 -20.83
N LYS E 101 21.74 -9.79 -20.51
CA LYS E 101 21.16 -9.38 -19.23
C LYS E 101 19.67 -9.64 -19.16
N LEU E 102 18.98 -9.52 -20.29
CA LEU E 102 17.55 -9.70 -20.34
C LEU E 102 17.15 -11.13 -19.97
N VAL E 103 17.89 -12.10 -20.50
CA VAL E 103 17.50 -13.50 -20.41
C VAL E 103 17.52 -14.05 -18.98
N ASP E 104 18.56 -13.75 -18.21
CA ASP E 104 18.58 -14.19 -16.81
C ASP E 104 17.58 -13.37 -16.00
N ASN E 105 17.37 -12.13 -16.40
CA ASN E 105 16.31 -11.32 -15.80
C ASN E 105 14.95 -11.90 -16.10
N ILE E 106 14.67 -12.06 -17.39
CA ILE E 106 13.37 -12.56 -17.84
C ILE E 106 13.11 -13.99 -17.38
N ARG E 107 14.17 -14.78 -17.25
CA ARG E 107 14.03 -16.12 -16.71
C ARG E 107 13.56 -16.02 -15.26
N ALA E 108 13.97 -14.96 -14.58
CA ALA E 108 13.65 -14.75 -13.17
C ALA E 108 12.19 -14.34 -12.98
N ILE E 109 11.71 -13.44 -13.82
CA ILE E 109 10.31 -13.03 -13.76
C ILE E 109 9.41 -14.22 -14.03
N PHE E 110 9.67 -14.87 -15.16
CA PHE E 110 8.88 -16.03 -15.61
C PHE E 110 8.78 -17.12 -14.53
N VAL E 111 9.92 -17.56 -14.01
CA VAL E 111 9.92 -18.63 -13.00
C VAL E 111 9.10 -18.27 -11.76
N SER E 112 9.14 -17.00 -11.35
CA SER E 112 8.41 -16.56 -10.17
C SER E 112 6.90 -16.69 -10.35
N LEU E 113 6.41 -16.20 -11.48
CA LEU E 113 4.97 -16.18 -11.72
C LEU E 113 4.39 -17.57 -11.92
N TYR E 114 5.11 -18.40 -12.67
CA TYR E 114 4.55 -19.66 -13.13
C TYR E 114 5.17 -20.89 -12.46
N SER E 115 5.92 -20.67 -11.38
CA SER E 115 6.54 -21.75 -10.64
C SER E 115 5.56 -22.84 -10.20
N GLU E 116 4.39 -22.42 -9.71
CA GLU E 116 3.43 -23.34 -9.13
C GLU E 116 2.82 -24.31 -10.15
N GLN E 117 2.70 -23.87 -11.39
CA GLN E 117 2.04 -24.65 -12.44
C GLN E 117 2.71 -25.99 -12.69
N PHE E 118 4.04 -26.01 -12.63
CA PHE E 118 4.82 -27.20 -12.93
C PHE E 118 4.71 -28.25 -11.83
N THR E 123 0.29 -31.73 -17.17
CA THR E 123 0.38 -31.92 -18.61
C THR E 123 1.47 -31.05 -19.19
N THR E 124 1.29 -30.63 -20.45
CA THR E 124 2.23 -29.73 -21.09
C THR E 124 1.62 -28.36 -21.29
N ILE E 125 1.00 -27.84 -20.25
CA ILE E 125 0.20 -26.62 -20.38
C ILE E 125 0.72 -25.48 -19.50
N ILE E 126 0.86 -24.29 -20.09
CA ILE E 126 1.24 -23.08 -19.35
C ILE E 126 0.56 -21.84 -19.93
N GLU E 127 0.17 -20.93 -19.04
CA GLU E 127 -0.58 -19.74 -19.43
C GLU E 127 0.18 -18.45 -19.11
N CYS E 128 0.55 -17.72 -20.16
CA CYS E 128 1.34 -16.50 -20.01
C CYS E 128 0.50 -15.24 -20.25
N ILE E 129 -0.32 -14.90 -19.27
CA ILE E 129 -1.20 -13.73 -19.35
C ILE E 129 -0.46 -12.42 -19.16
N ASN E 130 -0.47 -11.57 -20.18
CA ASN E 130 0.05 -10.22 -20.04
C ASN E 130 1.55 -10.24 -19.72
N PHE E 131 2.17 -11.41 -19.88
CA PHE E 131 3.60 -11.55 -19.65
C PHE E 131 4.34 -10.56 -20.53
N ASP E 132 3.80 -10.32 -21.72
CA ASP E 132 4.31 -9.31 -22.63
C ASP E 132 4.49 -7.98 -21.91
N LYS E 133 3.53 -7.62 -21.07
CA LYS E 133 3.66 -6.45 -20.21
C LYS E 133 4.97 -6.50 -19.44
N TYR E 134 5.26 -7.65 -18.84
CA TYR E 134 6.45 -7.79 -18.00
C TYR E 134 7.70 -7.76 -18.84
N PHE E 135 7.72 -8.57 -19.90
CA PHE E 135 8.80 -8.61 -20.88
C PHE E 135 9.11 -7.23 -21.45
N ASP E 136 8.07 -6.52 -21.86
CA ASP E 136 8.23 -5.23 -22.54
C ASP E 136 8.90 -4.18 -21.67
N GLN E 137 8.57 -4.16 -20.37
CA GLN E 137 9.13 -3.15 -19.48
C GLN E 137 10.65 -3.29 -19.36
N GLN E 138 11.13 -4.50 -19.12
CA GLN E 138 12.57 -4.73 -19.12
C GLN E 138 13.13 -4.40 -20.49
N LEU E 139 12.46 -4.85 -21.54
CA LEU E 139 12.88 -4.58 -22.90
C LEU E 139 12.93 -3.07 -23.19
N GLN E 140 11.88 -2.36 -22.81
CA GLN E 140 11.80 -0.92 -23.02
C GLN E 140 13.05 -0.21 -22.51
N GLU E 141 13.45 -0.55 -21.29
CA GLU E 141 14.66 0.01 -20.69
C GLU E 141 15.89 -0.26 -21.55
N LEU E 142 15.96 -1.49 -22.05
CA LEU E 142 17.14 -1.94 -22.77
C LEU E 142 16.97 -1.78 -24.27
N LEU F 14 1.52 -44.39 -29.13
CA LEU F 14 2.64 -43.62 -28.61
C LEU F 14 3.60 -43.23 -29.71
N LEU F 15 3.80 -41.93 -29.88
CA LEU F 15 4.32 -41.39 -31.12
C LEU F 15 5.84 -41.41 -31.25
N ILE F 16 6.29 -41.60 -32.49
CA ILE F 16 7.70 -41.83 -32.81
C ILE F 16 7.96 -41.55 -34.29
N GLY F 17 8.77 -40.54 -34.59
CA GLY F 17 9.08 -40.20 -35.97
C GLY F 17 10.39 -39.45 -36.09
N PRO F 18 10.81 -39.14 -37.33
CA PRO F 18 12.06 -38.41 -37.51
C PRO F 18 11.94 -37.00 -36.92
N SER F 19 13.04 -36.44 -36.42
CA SER F 19 13.00 -35.10 -35.84
C SER F 19 12.49 -34.14 -36.90
N GLY F 20 11.60 -33.23 -36.50
CA GLY F 20 10.96 -32.34 -37.44
C GLY F 20 9.78 -33.01 -38.12
N ALA F 21 9.30 -34.09 -37.52
CA ALA F 21 8.16 -34.84 -38.06
C ALA F 21 6.86 -34.06 -37.91
N GLY F 22 6.73 -33.33 -36.81
CA GLY F 22 5.48 -32.69 -36.46
C GLY F 22 4.83 -33.42 -35.30
N LYS F 23 5.56 -34.40 -34.78
CA LYS F 23 5.19 -35.16 -33.60
C LYS F 23 4.90 -34.23 -32.43
N THR F 24 5.90 -33.42 -32.15
CA THR F 24 5.91 -32.51 -31.01
C THR F 24 4.77 -31.52 -31.10
N ALA F 25 4.62 -30.91 -32.26
CA ALA F 25 3.51 -29.99 -32.48
C ALA F 25 2.19 -30.73 -32.32
N LEU F 26 2.16 -32.01 -32.69
CA LEU F 26 0.90 -32.75 -32.69
C LEU F 26 0.24 -32.86 -31.32
N LEU F 27 0.98 -33.35 -30.34
CA LEU F 27 0.43 -33.58 -29.00
C LEU F 27 -0.23 -32.32 -28.47
N THR F 28 0.43 -31.20 -28.71
CA THR F 28 -0.08 -29.92 -28.23
C THR F 28 -1.50 -29.67 -28.71
N LEU F 29 -1.82 -30.14 -29.92
CA LEU F 29 -3.16 -29.91 -30.46
C LEU F 29 -4.23 -30.69 -29.71
N PHE F 30 -4.05 -32.02 -29.69
CA PHE F 30 -4.98 -32.91 -29.01
C PHE F 30 -5.32 -32.41 -27.61
N GLU F 31 -4.27 -32.21 -26.81
CA GLU F 31 -4.45 -31.71 -25.46
C GLU F 31 -5.04 -30.31 -25.43
N ARG F 32 -4.61 -29.47 -26.38
CA ARG F 32 -5.05 -28.07 -26.41
C ARG F 32 -6.50 -27.95 -26.85
N GLY F 33 -6.92 -28.82 -27.77
CA GLY F 33 -8.27 -28.81 -28.33
C GLY F 33 -9.37 -28.53 -27.33
N PRO F 34 -9.54 -29.43 -26.35
CA PRO F 34 -10.51 -29.22 -25.26
C PRO F 34 -10.15 -28.02 -24.40
N LYS F 54 -10.51 -22.69 -16.10
CA LYS F 54 -9.64 -23.53 -16.91
C LYS F 54 -8.36 -22.77 -17.29
N PRO F 55 -7.55 -23.32 -18.21
CA PRO F 55 -6.34 -22.62 -18.62
C PRO F 55 -6.49 -21.83 -19.92
N ILE F 56 -5.83 -20.69 -20.00
CA ILE F 56 -5.91 -19.82 -21.17
C ILE F 56 -5.08 -20.34 -22.34
N VAL F 57 -5.63 -20.21 -23.54
CA VAL F 57 -4.97 -20.64 -24.78
C VAL F 57 -5.11 -19.56 -25.86
N THR F 58 -4.17 -19.50 -26.80
CA THR F 58 -4.27 -18.51 -27.88
C THR F 58 -4.33 -19.15 -29.27
N SER F 59 -3.80 -20.36 -29.40
CA SER F 59 -3.78 -21.07 -30.67
C SER F 59 -4.15 -22.53 -30.41
N PRO F 60 -4.73 -23.21 -31.42
CA PRO F 60 -5.11 -24.63 -31.25
C PRO F 60 -3.91 -25.50 -30.93
N VAL F 61 -2.81 -25.26 -31.65
CA VAL F 61 -1.58 -26.00 -31.43
C VAL F 61 -0.39 -25.05 -31.49
N ALA F 62 0.44 -25.09 -30.46
CA ALA F 62 1.49 -24.08 -30.32
C ALA F 62 2.79 -24.52 -30.93
N GLN F 63 3.40 -23.60 -31.70
CA GLN F 63 4.65 -23.89 -32.38
C GLN F 63 5.68 -24.40 -31.40
N THR F 64 6.46 -25.38 -31.85
CA THR F 64 7.40 -26.08 -30.98
C THR F 64 8.77 -26.06 -31.62
N HIS F 65 9.73 -26.71 -30.97
CA HIS F 65 11.05 -26.88 -31.56
C HIS F 65 11.50 -28.33 -31.45
N THR F 66 12.73 -28.60 -31.88
CA THR F 66 13.31 -29.93 -31.71
C THR F 66 13.10 -30.41 -30.29
N SER F 67 12.35 -31.50 -30.16
CA SER F 67 12.13 -32.13 -28.87
C SER F 67 13.42 -32.69 -28.34
N GLN F 68 13.44 -32.99 -27.05
CA GLN F 68 14.47 -33.80 -26.46
C GLN F 68 13.83 -34.90 -25.64
N VAL F 69 13.53 -34.59 -24.39
CA VAL F 69 12.90 -35.56 -23.54
C VAL F 69 11.54 -35.85 -24.10
N PRO F 70 11.15 -37.19 -24.09
CA PRO F 70 9.73 -37.38 -24.39
C PRO F 70 8.94 -36.98 -23.16
N THR F 71 7.66 -36.69 -23.27
CA THR F 71 6.86 -36.44 -22.08
C THR F 71 5.52 -37.13 -22.10
N SER F 72 4.97 -37.38 -20.92
CA SER F 72 3.58 -37.83 -20.82
C SER F 72 2.61 -36.67 -21.02
N VAL F 73 1.32 -37.02 -21.11
CA VAL F 73 0.15 -36.12 -21.15
C VAL F 73 -0.17 -35.57 -22.54
N LEU F 103 -3.08 -42.28 -21.70
CA LEU F 103 -2.33 -41.05 -21.94
C LEU F 103 -1.19 -41.28 -22.95
N LEU F 104 -0.71 -40.21 -23.54
CA LEU F 104 0.24 -40.36 -24.62
C LEU F 104 1.45 -39.46 -24.46
N ILE F 105 2.52 -39.80 -25.15
CA ILE F 105 3.78 -39.09 -24.98
C ILE F 105 4.50 -38.87 -26.30
N ASP F 106 4.96 -37.64 -26.52
CA ASP F 106 5.77 -37.30 -27.69
C ASP F 106 7.13 -37.95 -27.57
N THR F 107 7.86 -37.99 -28.67
CA THR F 107 9.21 -38.52 -28.71
C THR F 107 10.09 -37.58 -29.49
N PRO F 108 11.40 -37.59 -29.23
CA PRO F 108 12.22 -36.82 -30.16
C PRO F 108 12.27 -37.56 -31.48
N GLY F 109 12.73 -36.88 -32.52
CA GLY F 109 12.98 -37.57 -33.76
C GLY F 109 14.45 -37.89 -33.88
N HIS F 110 15.19 -37.58 -32.82
CA HIS F 110 16.64 -37.63 -32.88
C HIS F 110 17.21 -38.95 -32.35
N PRO F 111 18.29 -39.42 -32.99
CA PRO F 111 19.03 -40.66 -32.79
C PRO F 111 19.31 -41.07 -31.34
N LYS F 112 19.81 -40.16 -30.51
CA LYS F 112 20.17 -40.53 -29.14
C LYS F 112 18.98 -41.11 -28.39
N LEU F 113 17.90 -40.33 -28.34
CA LEU F 113 16.73 -40.75 -27.58
C LEU F 113 16.05 -41.98 -28.15
N ARG F 114 15.77 -41.98 -29.45
CA ARG F 114 15.10 -43.12 -30.08
C ARG F 114 15.65 -44.44 -29.53
N GLY F 115 16.90 -44.41 -29.09
CA GLY F 115 17.47 -45.48 -28.30
C GLY F 115 16.63 -45.78 -27.07
N THR F 116 16.18 -44.73 -26.37
CA THR F 116 15.26 -44.95 -25.26
C THR F 116 13.88 -45.33 -25.77
N THR F 117 13.52 -44.84 -26.96
CA THR F 117 12.21 -45.18 -27.54
C THR F 117 12.08 -46.68 -27.78
N LEU F 118 13.18 -47.30 -28.23
CA LEU F 118 13.16 -48.71 -28.58
C LEU F 118 13.50 -49.60 -27.39
N GLN F 119 13.77 -48.97 -26.25
CA GLN F 119 13.97 -49.69 -25.00
C GLN F 119 12.61 -50.09 -24.41
N HIS F 120 11.54 -49.62 -25.05
CA HIS F 120 10.21 -49.82 -24.51
C HIS F 120 9.25 -50.38 -25.56
N VAL F 156 1.84 -47.22 -30.35
CA VAL F 156 2.75 -46.50 -31.21
C VAL F 156 2.04 -45.97 -32.45
N ILE F 157 2.41 -44.76 -32.87
CA ILE F 157 1.87 -44.21 -34.10
C ILE F 157 2.96 -43.41 -34.82
N PHE F 158 3.91 -44.14 -35.42
CA PHE F 158 5.03 -43.53 -36.13
C PHE F 158 4.54 -42.47 -37.11
N LEU F 159 5.06 -41.26 -36.94
CA LEU F 159 4.69 -40.14 -37.79
C LEU F 159 5.88 -39.63 -38.57
N LEU F 160 5.63 -39.11 -39.77
CA LEU F 160 6.70 -38.59 -40.60
C LEU F 160 6.27 -37.30 -41.29
N ASP F 161 7.24 -36.47 -41.64
CA ASP F 161 6.98 -35.35 -42.53
C ASP F 161 6.59 -35.93 -43.88
N ALA F 162 5.28 -35.94 -44.17
CA ALA F 162 4.81 -36.50 -45.43
C ALA F 162 5.49 -35.81 -46.60
N ALA F 163 5.62 -34.50 -46.50
CA ALA F 163 6.23 -33.69 -47.55
C ALA F 163 7.65 -34.15 -47.86
N ALA F 164 8.42 -34.48 -46.83
CA ALA F 164 9.82 -34.86 -46.98
C ALA F 164 10.01 -35.92 -48.05
N LEU F 165 9.13 -36.93 -48.03
CA LEU F 165 9.20 -38.02 -48.99
C LEU F 165 9.08 -37.50 -50.42
N ALA F 166 8.36 -36.39 -50.57
CA ALA F 166 8.31 -35.69 -51.84
C ALA F 166 9.63 -34.96 -52.05
N ASP F 167 10.09 -34.27 -51.02
CA ASP F 167 11.34 -33.51 -51.06
C ASP F 167 12.53 -34.45 -51.30
N SER F 168 12.29 -35.76 -51.16
CA SER F 168 13.30 -36.76 -51.47
C SER F 168 13.74 -36.66 -52.92
N SER F 174 15.14 -39.79 -46.54
CA SER F 174 14.92 -41.23 -46.38
C SER F 174 15.82 -41.81 -45.30
N GLN F 175 16.50 -40.96 -44.54
CA GLN F 175 17.20 -41.42 -43.34
C GLN F 175 16.13 -41.96 -42.39
N THR F 176 14.91 -41.46 -42.57
CA THR F 176 13.70 -42.07 -42.02
C THR F 176 13.66 -43.58 -42.25
N ALA F 177 14.00 -44.01 -43.46
CA ALA F 177 13.74 -45.37 -43.93
C ALA F 177 14.04 -46.48 -42.91
N SER F 178 15.31 -46.60 -42.53
CA SER F 178 15.72 -47.57 -41.50
C SER F 178 14.99 -47.38 -40.19
N TYR F 179 14.89 -46.12 -39.77
CA TYR F 179 14.06 -45.75 -38.64
C TYR F 179 12.73 -46.43 -38.84
N LEU F 180 12.08 -46.11 -39.95
CA LEU F 180 10.80 -46.73 -40.29
C LEU F 180 10.98 -48.24 -40.42
N TYR F 181 12.19 -48.71 -40.71
CA TYR F 181 12.41 -50.14 -40.63
C TYR F 181 12.43 -50.54 -39.16
N ASP F 182 13.35 -49.93 -38.42
CA ASP F 182 13.73 -50.44 -37.10
C ASP F 182 12.60 -50.44 -36.07
N VAL F 183 11.72 -49.44 -36.11
CA VAL F 183 10.65 -49.36 -35.10
C VAL F 183 9.81 -50.62 -35.12
N LEU F 184 9.50 -51.13 -36.31
CA LEU F 184 8.57 -52.23 -36.45
C LEU F 184 9.17 -53.58 -36.06
N LEU F 185 10.47 -53.76 -36.32
CA LEU F 185 11.14 -54.99 -35.91
C LEU F 185 11.06 -55.10 -34.40
N SER F 186 11.22 -53.97 -33.74
CA SER F 186 11.07 -53.87 -32.29
C SER F 186 9.68 -54.34 -31.87
N LEU F 187 8.75 -54.30 -32.81
CA LEU F 187 7.41 -54.83 -32.60
C LEU F 187 7.34 -56.29 -33.03
N GLN F 188 8.32 -56.71 -33.83
CA GLN F 188 8.40 -58.09 -34.29
C GLN F 188 8.80 -59.01 -33.15
N LYS F 189 9.63 -58.49 -32.24
CA LYS F 189 10.15 -59.30 -31.14
C LYS F 189 9.24 -59.28 -29.92
N ARG F 190 8.20 -58.46 -29.97
CA ARG F 190 7.28 -58.30 -28.83
C ARG F 190 6.70 -59.65 -28.41
N PHE F 191 6.43 -60.50 -29.38
CA PHE F 191 5.91 -61.84 -29.11
C PHE F 191 6.99 -62.74 -28.55
N PRO F 204 -1.25 -52.90 -33.67
CA PRO F 204 -2.11 -51.74 -33.58
C PRO F 204 -1.52 -50.54 -34.30
N VAL F 205 -0.29 -50.69 -34.77
CA VAL F 205 0.51 -49.56 -35.24
C VAL F 205 -0.14 -48.72 -36.33
N LEU F 206 0.04 -47.40 -36.24
CA LEU F 206 -0.37 -46.48 -37.30
C LEU F 206 0.84 -45.76 -37.86
N ILE F 207 0.95 -45.73 -39.18
CA ILE F 207 1.90 -44.84 -39.83
C ILE F 207 1.11 -43.65 -40.31
N ALA F 208 1.56 -42.46 -39.95
CA ALA F 208 0.79 -41.25 -40.21
C ALA F 208 1.51 -40.31 -41.17
N ALA F 209 0.77 -39.79 -42.15
CA ALA F 209 1.29 -38.75 -43.02
C ALA F 209 0.89 -37.38 -42.46
N ASN F 210 1.83 -36.45 -42.43
CA ASN F 210 1.62 -35.14 -41.81
C ASN F 210 2.00 -33.99 -42.75
N LYS F 211 1.65 -32.78 -42.36
CA LYS F 211 1.96 -31.59 -43.16
C LYS F 211 1.24 -31.66 -44.49
N GLN F 212 0.01 -32.18 -44.45
CA GLN F 212 -0.84 -32.29 -45.63
C GLN F 212 -1.35 -30.92 -46.06
N ASP F 213 -1.15 -29.92 -45.20
CA ASP F 213 -1.53 -28.56 -45.51
C ASP F 213 -0.80 -28.08 -46.77
N LEU F 214 0.50 -28.37 -46.82
CA LEU F 214 1.33 -27.94 -47.93
C LEU F 214 0.97 -28.64 -49.24
N PHE F 215 1.35 -28.00 -50.34
CA PHE F 215 1.10 -28.53 -51.68
C PHE F 215 1.89 -29.81 -51.91
N THR F 216 3.13 -29.80 -51.42
CA THR F 216 4.10 -30.85 -51.71
C THR F 216 3.82 -32.17 -51.01
N ALA F 217 2.78 -32.19 -50.18
CA ALA F 217 2.49 -33.34 -49.32
C ALA F 217 2.40 -34.66 -50.07
N VAL F 218 2.99 -35.71 -49.50
CA VAL F 218 2.88 -37.06 -50.03
C VAL F 218 1.50 -37.62 -49.74
N PRO F 219 1.00 -38.48 -50.64
CA PRO F 219 -0.31 -39.11 -50.50
C PRO F 219 -0.40 -40.10 -49.33
N ALA F 220 -1.62 -40.32 -48.86
CA ALA F 220 -1.89 -41.46 -47.99
C ALA F 220 -1.76 -42.72 -48.83
N SER F 221 -2.05 -42.58 -50.13
CA SER F 221 -1.95 -43.70 -51.05
C SER F 221 -0.49 -44.07 -51.33
N LEU F 222 0.35 -43.08 -51.63
CA LEU F 222 1.77 -43.38 -51.83
C LEU F 222 2.47 -43.67 -50.51
N VAL F 223 2.10 -42.93 -49.47
CA VAL F 223 2.67 -43.18 -48.15
C VAL F 223 2.34 -44.62 -47.76
N LYS F 224 1.21 -45.11 -48.26
CA LYS F 224 0.89 -46.52 -48.16
C LYS F 224 1.98 -47.31 -48.88
N SER F 225 2.20 -46.99 -50.14
CA SER F 225 3.14 -47.72 -51.01
C SER F 225 4.44 -48.16 -50.33
N ARG F 226 5.16 -47.23 -49.73
CA ARG F 226 6.51 -47.51 -49.25
C ARG F 226 6.57 -48.45 -48.05
N LEU F 227 5.77 -48.19 -47.02
CA LEU F 227 5.65 -49.14 -45.91
C LEU F 227 5.24 -50.47 -46.50
N GLU F 228 4.22 -50.40 -47.34
CA GLU F 228 3.70 -51.56 -48.02
C GLU F 228 4.77 -52.26 -48.87
N HIS F 229 5.31 -51.58 -49.89
CA HIS F 229 6.09 -52.28 -50.91
C HIS F 229 7.47 -52.81 -50.48
N GLU F 230 8.29 -51.97 -49.85
CA GLU F 230 9.61 -52.43 -49.41
C GLU F 230 9.45 -53.54 -48.37
N LEU F 231 8.48 -53.36 -47.48
CA LEU F 231 8.17 -54.37 -46.47
C LEU F 231 7.32 -55.51 -47.04
N GLY F 232 6.50 -55.21 -48.04
CA GLY F 232 5.58 -56.20 -48.59
C GLY F 232 6.22 -57.52 -48.92
N ARG F 233 7.42 -57.46 -49.47
CA ARG F 233 8.14 -58.65 -49.90
C ARG F 233 8.63 -59.50 -48.72
N ILE F 234 9.11 -58.84 -47.68
CA ILE F 234 9.75 -59.53 -46.56
C ILE F 234 8.78 -60.38 -45.73
N ARG F 235 7.59 -59.84 -45.46
CA ARG F 235 6.62 -60.53 -44.61
C ARG F 235 5.99 -61.73 -45.31
N LYS F 236 5.59 -61.54 -46.56
CA LYS F 236 4.89 -62.56 -47.32
C LYS F 236 3.68 -63.06 -46.54
N VAL F 282 -1.84 -51.79 -38.04
CA VAL F 282 -1.05 -51.41 -39.20
C VAL F 282 -1.78 -50.37 -40.04
N GLU F 283 -2.93 -49.91 -39.56
CA GLU F 283 -3.73 -48.93 -40.30
C GLU F 283 -2.96 -47.63 -40.48
N VAL F 284 -2.46 -47.39 -41.70
CA VAL F 284 -1.73 -46.18 -42.03
C VAL F 284 -2.73 -45.04 -42.21
N MET F 285 -2.23 -43.83 -42.48
CA MET F 285 -3.13 -42.72 -42.75
C MET F 285 -2.46 -41.42 -43.15
N GLY F 286 -3.26 -40.36 -43.19
CA GLY F 286 -2.79 -39.03 -43.50
C GLY F 286 -3.59 -38.00 -42.74
N GLY F 287 -2.88 -37.15 -42.00
CA GLY F 287 -3.51 -36.08 -41.25
C GLY F 287 -2.61 -34.86 -41.20
N ASN F 288 -3.16 -33.73 -40.82
CA ASN F 288 -2.35 -32.53 -40.71
C ASN F 288 -2.71 -31.69 -39.50
N VAL F 289 -1.70 -31.32 -38.73
CA VAL F 289 -1.87 -30.39 -37.62
C VAL F 289 -2.05 -28.98 -38.16
N ASP F 292 -4.99 -26.05 -43.23
CA ASP F 292 -6.17 -26.55 -43.92
C ASP F 292 -5.89 -27.88 -44.61
N GLY F 293 -6.52 -28.95 -44.14
CA GLY F 293 -6.32 -30.26 -44.72
C GLY F 293 -7.10 -31.35 -44.02
N PRO F 294 -6.80 -32.61 -44.36
CA PRO F 294 -7.44 -33.82 -43.81
C PRO F 294 -7.44 -33.85 -42.28
N GLY F 295 -6.39 -33.34 -41.66
CA GLY F 295 -6.34 -33.20 -40.23
C GLY F 295 -6.07 -34.47 -39.43
N ALA F 296 -5.78 -34.29 -38.15
CA ALA F 296 -5.48 -35.40 -37.26
C ALA F 296 -6.73 -36.04 -36.70
N GLU F 297 -7.88 -35.70 -37.27
CA GLU F 297 -9.17 -36.13 -36.73
C GLU F 297 -9.41 -37.62 -36.95
N ARG F 298 -9.18 -38.10 -38.17
CA ARG F 298 -9.29 -39.53 -38.45
C ARG F 298 -8.29 -40.29 -37.57
N TRP F 299 -7.12 -39.68 -37.36
CA TRP F 299 -6.14 -40.16 -36.41
C TRP F 299 -6.75 -40.29 -35.03
N TRP F 300 -7.32 -39.18 -34.57
CA TRP F 300 -8.02 -39.10 -33.29
C TRP F 300 -9.04 -40.22 -33.19
N ARG F 301 -9.83 -40.37 -34.24
CA ARG F 301 -10.81 -41.45 -34.33
C ARG F 301 -10.12 -42.81 -34.32
N TRP F 302 -9.14 -42.95 -35.20
CA TRP F 302 -8.33 -44.16 -35.32
C TRP F 302 -7.91 -44.65 -33.94
N ILE F 303 -7.33 -43.74 -33.16
CA ILE F 303 -6.87 -44.09 -31.81
C ILE F 303 -8.02 -44.64 -31.00
N GLY F 304 -9.15 -43.93 -31.07
CA GLY F 304 -10.37 -44.31 -30.36
C GLY F 304 -10.68 -45.77 -30.59
N GLU F 305 -11.16 -46.12 -31.77
CA GLU F 305 -11.50 -47.51 -32.12
C GLU F 305 -10.44 -48.51 -31.63
N ARG F 306 -9.18 -48.07 -31.60
CA ARG F 306 -8.11 -48.89 -31.06
C ARG F 306 -8.21 -49.01 -29.55
N ILE F 307 -8.79 -47.96 -28.92
CA ILE F 307 -8.89 -47.79 -27.46
C ILE F 307 -7.91 -48.63 -26.64
MG MG G . 6.81 -6.30 17.19
PG GTP H . 10.40 -6.25 17.91
O1G GTP H . 9.15 -5.44 17.76
O2G GTP H . 10.97 -6.55 16.55
O3G GTP H . 11.39 -5.50 18.77
O3B GTP H . 10.12 -7.67 18.60
PB GTP H . 8.68 -8.37 18.55
O1B GTP H . 7.60 -7.38 18.91
O2B GTP H . 8.75 -9.56 19.48
O3A GTP H . 8.40 -9.00 17.09
PA GTP H . 7.21 -10.09 16.95
O1A GTP H . 6.35 -9.71 15.77
O2A GTP H . 6.39 -10.20 18.20
O5' GTP H . 7.93 -11.51 16.68
C5' GTP H . 8.32 -11.91 15.38
C4' GTP H . 7.60 -13.21 15.01
O4' GTP H . 7.80 -14.19 16.00
C3' GTP H . 6.10 -13.00 14.89
O3' GTP H . 5.72 -13.22 13.54
C2' GTP H . 5.48 -14.06 15.78
O2' GTP H . 4.44 -14.74 15.09
C1' GTP H . 6.64 -14.99 16.08
N9 GTP H . 6.52 -15.62 17.41
C8 GTP H . 6.42 -15.03 18.64
N7 GTP H . 6.34 -16.00 19.58
C5 GTP H . 6.39 -17.20 18.97
C6 GTP H . 6.36 -18.51 19.43
O6 GTP H . 6.25 -18.75 20.64
N1 GTP H . 6.45 -19.57 18.54
C2 GTP H . 6.57 -19.31 17.19
N2 GTP H . 6.65 -20.29 16.31
N3 GTP H . 6.59 -18.00 16.74
C4 GTP H . 6.51 -16.97 17.61
C1 GOL I . -5.02 -10.07 10.88
O1 GOL I . -3.97 -9.89 11.82
C2 GOL I . -6.17 -10.79 11.57
O2 GOL I . -5.84 -10.93 12.92
C3 GOL I . -7.51 -10.07 11.45
O3 GOL I . -8.20 -10.16 12.68
H11 GOL I . -5.36 -9.09 10.52
H12 GOL I . -4.67 -10.64 10.03
HO1 GOL I . -3.19 -9.48 11.36
H2 GOL I . -6.27 -11.78 11.12
HO2 GOL I . -5.78 -10.04 13.34
H31 GOL I . -7.34 -9.02 11.20
H32 GOL I . -8.10 -10.51 10.65
HO3 GOL I . -9.10 -9.78 12.58
S SO4 J . 12.44 9.37 30.16
O1 SO4 J . 11.13 9.72 29.60
O2 SO4 J . 13.09 10.56 30.71
O3 SO4 J . 12.27 8.37 31.21
O4 SO4 J . 13.27 8.82 29.09
MG MG K . -16.62 30.11 -1.37
PG GTP L . -18.20 28.08 -0.30
O1G GTP L . -18.10 29.55 0.00
O2G GTP L . -19.44 27.53 0.36
O3G GTP L . -18.27 27.83 -1.79
O3B GTP L . -16.94 27.32 0.33
PB GTP L . -15.54 27.41 -0.46
O1B GTP L . -15.30 28.84 -0.87
O2B GTP L . -15.50 26.46 -1.63
O3A GTP L . -14.43 27.00 0.61
PA GTP L . -14.17 27.89 1.92
O1A GTP L . -15.45 28.48 2.46
O2A GTP L . -13.15 28.94 1.57
O5' GTP L . -13.55 26.80 2.92
C5' GTP L . -14.32 26.18 3.91
C4' GTP L . -13.34 25.82 5.01
O4' GTP L . -12.54 24.77 4.53
C3' GTP L . -12.39 26.96 5.31
O3' GTP L . -12.74 27.60 6.51
C2' GTP L . -11.04 26.31 5.49
O2' GTP L . -10.61 26.42 6.83
C1' GTP L . -11.28 24.86 5.15
N9 GTP L . -10.19 24.41 4.29
C8 GTP L . -9.91 24.75 3.00
N7 GTP L . -8.80 24.07 2.62
C5 GTP L . -8.38 23.30 3.65
C6 GTP L . -7.33 22.42 3.81
O6 GTP L . -6.55 22.23 2.89
N1 GTP L . -7.17 21.76 5.02
C2 GTP L . -8.06 21.99 6.05
N2 GTP L . -7.93 21.36 7.23
N3 GTP L . -9.10 22.86 5.87
C4 GTP L . -9.25 23.50 4.70
MG MG M . 9.00 -34.63 -30.82
PG GTP N . 11.17 -33.14 -32.74
O1G GTP N . 10.99 -32.06 -31.69
O2G GTP N . 12.64 -33.30 -33.07
O3G GTP N . 10.62 -34.46 -32.23
O3B GTP N . 10.40 -32.67 -34.07
PB GTP N . 8.94 -33.24 -34.39
O1B GTP N . 8.22 -33.66 -33.12
O2B GTP N . 9.06 -34.40 -35.35
O3A GTP N . 8.13 -32.02 -35.06
PA GTP N . 7.74 -30.70 -34.24
O1A GTP N . 6.35 -30.88 -33.68
O2A GTP N . 8.72 -30.39 -33.13
O5' GTP N . 7.71 -29.52 -35.33
C5' GTP N . 6.64 -29.49 -36.23
C4' GTP N . 6.82 -28.43 -37.30
O4' GTP N . 6.26 -28.93 -38.49
C3' GTP N . 6.06 -27.18 -36.93
O3' GTP N . 6.90 -26.06 -37.06
C2' GTP N . 4.92 -27.06 -37.94
O2' GTP N . 4.92 -25.78 -38.49
C1' GTP N . 5.21 -28.13 -38.98
N9 GTP N . 4.03 -29.00 -39.18
C8 GTP N . 4.03 -30.36 -39.10
N7 GTP N . 2.79 -30.81 -39.36
C5 GTP N . 1.99 -29.76 -39.60
C6 GTP N . 0.64 -29.67 -39.92
O6 GTP N . -0.04 -30.70 -40.00
N1 GTP N . 0.06 -28.44 -40.13
C2 GTP N . 0.83 -27.30 -40.02
N2 GTP N . 0.28 -26.11 -40.23
N3 GTP N . 2.18 -27.40 -39.71
C4 GTP N . 2.75 -28.61 -39.50
#